data_8VU6
#
_entry.id   8VU6
#
_entity_poly.entity_id   1
_entity_poly.type   'polypeptide(L)'
_entity_poly.pdbx_seq_one_letter_code
;AAAAQRCGEQGSNMECPNNLCCSQYGYCGMGGDYCGKGCQNGACWT
;
_entity_poly.pdbx_strand_id   A
#
# COMPACT_ATOMS: atom_id res chain seq x y z
N ALA A 1 6.14 -12.25 8.01
CA ALA A 1 7.12 -11.60 8.92
C ALA A 1 6.58 -10.24 9.39
N ALA A 2 7.14 -9.70 10.48
CA ALA A 2 6.78 -8.40 11.06
C ALA A 2 7.83 -7.29 10.81
N ALA A 3 9.07 -7.67 10.49
CA ALA A 3 10.10 -6.75 10.00
C ALA A 3 9.79 -6.30 8.55
N ALA A 4 10.32 -5.15 8.14
CA ALA A 4 10.16 -4.59 6.78
C ALA A 4 8.68 -4.47 6.33
N GLN A 5 7.77 -4.20 7.27
CA GLN A 5 6.31 -4.27 7.08
C GLN A 5 5.71 -3.20 6.15
N ARG A 6 6.35 -2.03 5.99
CA ARG A 6 5.89 -0.91 5.17
C ARG A 6 5.93 -1.24 3.67
N CYS A 7 5.21 -0.44 2.88
CA CYS A 7 5.09 -0.57 1.43
C CYS A 7 5.38 0.76 0.69
N GLY A 8 5.56 0.69 -0.63
CA GLY A 8 5.81 1.90 -1.42
C GLY A 8 7.16 2.55 -1.11
N GLU A 9 7.25 3.88 -1.27
CA GLU A 9 8.49 4.63 -1.00
C GLU A 9 8.93 4.55 0.47
N GLN A 10 7.98 4.49 1.42
CA GLN A 10 8.27 4.28 2.84
C GLN A 10 8.78 2.86 3.08
N GLY A 11 8.18 1.90 2.36
CA GLY A 11 8.52 0.49 2.29
C GLY A 11 9.78 0.15 1.50
N SER A 12 10.75 1.07 1.39
CA SER A 12 12.01 0.89 0.65
C SER A 12 11.77 0.43 -0.80
N ASN A 13 10.72 0.95 -1.44
CA ASN A 13 10.22 0.58 -2.76
C ASN A 13 9.92 -0.93 -2.97
N MET A 14 9.41 -1.60 -1.93
CA MET A 14 8.84 -2.96 -1.98
C MET A 14 7.33 -2.88 -1.78
N GLU A 15 6.53 -3.21 -2.79
CA GLU A 15 5.08 -3.05 -2.79
C GLU A 15 4.33 -4.22 -2.12
N CYS A 16 3.07 -4.02 -1.68
CA CYS A 16 2.19 -5.13 -1.22
C CYS A 16 1.68 -5.94 -2.45
N PRO A 17 1.30 -7.22 -2.30
CA PRO A 17 1.04 -8.06 -3.47
C PRO A 17 -0.41 -8.38 -3.85
N ASN A 18 -0.51 -8.53 -5.17
CA ASN A 18 -1.51 -9.07 -6.11
C ASN A 18 -2.92 -8.45 -6.05
N ASN A 19 -3.14 -7.60 -5.06
CA ASN A 19 -4.41 -6.95 -4.72
C ASN A 19 -4.25 -5.95 -3.58
N LEU A 20 -3.38 -6.28 -2.63
CA LEU A 20 -3.27 -5.57 -1.36
C LEU A 20 -2.83 -4.12 -1.61
N CYS A 21 -3.61 -3.19 -1.08
CA CYS A 21 -3.53 -1.78 -1.38
C CYS A 21 -2.55 -1.09 -0.44
N CYS A 22 -1.73 -0.23 -1.01
CA CYS A 22 -0.68 0.48 -0.29
C CYS A 22 -1.09 1.95 -0.05
N SER A 23 -1.43 2.30 1.19
CA SER A 23 -1.83 3.65 1.59
C SER A 23 -0.73 4.71 1.35
N GLN A 24 -1.11 5.99 1.33
CA GLN A 24 -0.19 7.11 1.07
C GLN A 24 0.98 7.20 2.07
N TYR A 25 0.78 6.75 3.32
CA TYR A 25 1.79 6.71 4.39
C TYR A 25 2.63 5.41 4.39
N GLY A 26 2.37 4.48 3.47
CA GLY A 26 3.17 3.26 3.29
C GLY A 26 2.69 2.02 4.04
N TYR A 27 1.39 1.81 4.18
CA TYR A 27 0.83 0.67 4.90
C TYR A 27 -0.06 -0.20 4.00
N CYS A 28 0.06 -1.51 4.14
CA CYS A 28 -0.71 -2.51 3.42
C CYS A 28 -2.10 -2.76 4.05
N GLY A 29 -3.16 -2.79 3.24
CA GLY A 29 -4.51 -3.10 3.69
C GLY A 29 -5.55 -2.99 2.56
N MET A 30 -6.83 -2.90 2.93
CA MET A 30 -7.96 -2.71 2.00
C MET A 30 -8.98 -1.67 2.53
N GLY A 31 -9.59 -0.91 1.61
CA GLY A 31 -10.61 0.10 1.89
C GLY A 31 -10.17 1.54 1.61
N GLY A 32 -10.99 2.53 1.96
CA GLY A 32 -10.83 3.94 1.59
C GLY A 32 -9.53 4.62 2.03
N ASP A 33 -8.84 4.14 3.07
CA ASP A 33 -7.50 4.61 3.47
C ASP A 33 -6.35 4.00 2.64
N TYR A 34 -6.58 2.85 1.99
CA TYR A 34 -5.53 2.05 1.33
C TYR A 34 -5.74 1.98 -0.19
N CYS A 35 -6.92 1.56 -0.63
CA CYS A 35 -7.34 1.44 -2.03
C CYS A 35 -7.96 2.74 -2.58
N GLY A 36 -8.25 3.71 -1.72
CA GLY A 36 -8.82 5.01 -2.07
C GLY A 36 -7.81 5.96 -2.74
N LYS A 37 -8.13 7.26 -2.78
CA LYS A 37 -7.40 8.27 -3.57
C LYS A 37 -5.90 8.34 -3.29
N GLY A 38 -5.44 8.08 -2.06
CA GLY A 38 -4.03 8.15 -1.66
C GLY A 38 -3.16 6.95 -2.06
N CYS A 39 -3.73 5.94 -2.74
CA CYS A 39 -3.04 4.70 -3.08
C CYS A 39 -1.69 4.90 -3.79
N GLN A 40 -0.66 4.20 -3.34
CA GLN A 40 0.63 4.10 -4.01
C GLN A 40 0.69 2.88 -4.94
N ASN A 41 0.12 1.74 -4.52
CA ASN A 41 0.18 0.43 -5.19
C ASN A 41 -1.02 -0.46 -4.81
N GLY A 42 -1.14 -1.65 -5.40
CA GLY A 42 -2.22 -2.61 -5.16
C GLY A 42 -3.46 -2.30 -5.99
N ALA A 43 -4.61 -2.81 -5.57
CA ALA A 43 -5.86 -2.79 -6.35
C ALA A 43 -6.69 -1.51 -6.16
N CYS A 44 -6.07 -0.35 -6.43
CA CYS A 44 -6.67 0.97 -6.22
C CYS A 44 -7.90 1.25 -7.09
N TRP A 45 -8.83 2.01 -6.52
CA TRP A 45 -10.14 2.34 -7.09
C TRP A 45 -10.12 3.47 -8.14
N THR A 46 -8.96 4.11 -8.38
CA THR A 46 -8.77 5.26 -9.30
C THR A 46 -9.01 4.90 -10.76
N ALA A 1 15.12 -2.25 4.01
CA ALA A 1 14.94 -3.26 5.07
C ALA A 1 13.74 -2.91 5.93
N ALA A 2 12.62 -3.60 5.69
CA ALA A 2 11.34 -3.46 6.40
C ALA A 2 10.58 -4.81 6.44
N ALA A 3 9.59 -4.95 7.31
CA ALA A 3 8.64 -6.07 7.28
C ALA A 3 7.56 -5.82 6.21
N ALA A 4 7.04 -6.88 5.56
CA ALA A 4 6.19 -6.78 4.38
C ALA A 4 4.81 -6.10 4.50
N GLN A 5 4.49 -5.59 5.69
CA GLN A 5 3.35 -4.70 5.94
C GLN A 5 3.61 -3.30 5.39
N ARG A 6 4.87 -2.87 5.48
CA ARG A 6 5.38 -1.62 4.91
C ARG A 6 5.51 -1.70 3.38
N CYS A 7 5.24 -0.59 2.71
CA CYS A 7 5.16 -0.52 1.25
C CYS A 7 5.35 0.90 0.70
N GLY A 8 5.49 1.01 -0.62
CA GLY A 8 5.55 2.26 -1.37
C GLY A 8 6.85 3.05 -1.19
N GLU A 9 6.82 4.36 -1.42
CA GLU A 9 8.03 5.20 -1.39
C GLU A 9 8.72 5.20 -0.01
N GLN A 10 7.97 5.02 1.09
CA GLN A 10 8.47 4.88 2.45
C GLN A 10 9.01 3.46 2.70
N GLY A 11 8.30 2.46 2.18
CA GLY A 11 8.46 1.02 2.44
C GLY A 11 9.69 0.37 1.82
N SER A 12 10.81 1.07 1.71
CA SER A 12 12.04 0.56 1.07
C SER A 12 11.77 0.08 -0.38
N ASN A 13 10.90 0.82 -1.08
CA ASN A 13 10.33 0.52 -2.42
C ASN A 13 9.71 -0.88 -2.58
N MET A 14 9.29 -1.54 -1.49
CA MET A 14 8.50 -2.77 -1.51
C MET A 14 7.04 -2.44 -1.85
N GLU A 15 6.27 -3.42 -2.29
CA GLU A 15 4.83 -3.26 -2.54
C GLU A 15 3.98 -4.48 -2.12
N CYS A 16 2.73 -4.19 -1.78
CA CYS A 16 1.66 -5.16 -1.53
C CYS A 16 1.21 -5.82 -2.86
N PRO A 17 0.65 -7.05 -2.82
CA PRO A 17 0.26 -7.79 -4.02
C PRO A 17 -0.93 -7.19 -4.79
N ASN A 18 -1.26 -7.76 -5.96
CA ASN A 18 -2.27 -7.29 -6.93
C ASN A 18 -3.72 -7.27 -6.38
N ASN A 19 -3.92 -7.93 -5.25
CA ASN A 19 -5.18 -8.02 -4.51
C ASN A 19 -5.26 -7.06 -3.29
N LEU A 20 -4.16 -6.34 -2.97
CA LEU A 20 -4.00 -5.56 -1.74
C LEU A 20 -3.54 -4.12 -2.08
N CYS A 21 -3.76 -3.16 -1.18
CA CYS A 21 -3.64 -1.75 -1.48
C CYS A 21 -2.59 -1.10 -0.56
N CYS A 22 -1.70 -0.29 -1.13
CA CYS A 22 -0.68 0.41 -0.35
C CYS A 22 -1.09 1.85 -0.05
N SER A 23 -1.41 2.11 1.21
CA SER A 23 -1.76 3.44 1.74
C SER A 23 -0.65 4.48 1.58
N GLN A 24 -1.06 5.74 1.58
CA GLN A 24 -0.28 6.95 1.34
C GLN A 24 0.90 7.15 2.33
N TYR A 25 0.80 6.61 3.54
CA TYR A 25 1.88 6.62 4.54
C TYR A 25 2.82 5.40 4.49
N GLY A 26 2.56 4.44 3.59
CA GLY A 26 3.39 3.25 3.39
C GLY A 26 2.93 1.99 4.09
N TYR A 27 1.63 1.70 4.12
CA TYR A 27 1.06 0.55 4.84
C TYR A 27 0.09 -0.26 3.96
N CYS A 28 0.25 -1.58 3.94
CA CYS A 28 -0.66 -2.50 3.24
C CYS A 28 -2.00 -2.68 3.97
N GLY A 29 -3.08 -2.82 3.20
CA GLY A 29 -4.42 -3.12 3.69
C GLY A 29 -5.45 -3.03 2.56
N MET A 30 -6.73 -2.85 2.90
CA MET A 30 -7.78 -2.56 1.92
C MET A 30 -8.89 -1.68 2.51
N GLY A 31 -9.56 -0.90 1.66
CA GLY A 31 -10.54 0.12 2.04
C GLY A 31 -10.06 1.55 1.77
N GLY A 32 -10.85 2.57 2.11
CA GLY A 32 -10.62 3.96 1.70
C GLY A 32 -9.26 4.55 2.08
N ASP A 33 -8.69 4.18 3.23
CA ASP A 33 -7.34 4.61 3.64
C ASP A 33 -6.19 3.92 2.87
N TYR A 34 -6.48 2.85 2.11
CA TYR A 34 -5.48 2.03 1.42
C TYR A 34 -5.67 1.98 -0.11
N CYS A 35 -6.89 1.73 -0.58
CA CYS A 35 -7.27 1.63 -2.00
C CYS A 35 -7.94 2.90 -2.57
N GLY A 36 -8.16 3.94 -1.76
CA GLY A 36 -8.68 5.23 -2.22
C GLY A 36 -7.64 6.08 -2.96
N LYS A 37 -7.92 7.37 -3.17
CA LYS A 37 -7.08 8.29 -3.97
C LYS A 37 -5.59 8.27 -3.59
N GLY A 38 -5.26 8.10 -2.32
CA GLY A 38 -3.87 8.02 -1.83
C GLY A 38 -3.19 6.65 -1.97
N CYS A 39 -3.69 5.72 -2.79
CA CYS A 39 -3.00 4.49 -3.16
C CYS A 39 -1.65 4.72 -3.87
N GLN A 40 -0.58 4.08 -3.38
CA GLN A 40 0.75 4.14 -3.97
C GLN A 40 1.00 3.05 -5.02
N ASN A 41 0.53 1.81 -4.77
CA ASN A 41 0.70 0.63 -5.65
C ASN A 41 -0.21 -0.53 -5.16
N GLY A 42 -0.26 -1.64 -5.92
CA GLY A 42 -1.20 -2.75 -5.68
C GLY A 42 -2.55 -2.48 -6.36
N ALA A 43 -3.63 -2.97 -5.74
CA ALA A 43 -5.00 -2.62 -6.11
C ALA A 43 -5.33 -1.15 -5.75
N CYS A 44 -6.21 -0.53 -6.53
CA CYS A 44 -6.78 0.80 -6.23
C CYS A 44 -8.12 1.02 -6.94
N TRP A 45 -8.99 1.82 -6.32
CA TRP A 45 -10.38 2.02 -6.72
C TRP A 45 -10.57 3.01 -7.89
N THR A 46 -10.19 2.57 -9.08
CA THR A 46 -10.44 3.24 -10.36
C THR A 46 -11.92 3.23 -10.72
N ALA A 1 11.54 -11.94 5.47
CA ALA A 1 10.42 -12.26 4.56
C ALA A 1 9.14 -11.51 4.93
N ALA A 2 8.59 -11.73 6.12
CA ALA A 2 7.25 -11.29 6.53
C ALA A 2 7.03 -9.77 6.76
N ALA A 3 8.08 -8.95 6.84
CA ALA A 3 8.01 -7.50 7.15
C ALA A 3 7.31 -6.62 6.09
N ALA A 4 6.62 -7.23 5.13
CA ALA A 4 5.82 -6.62 4.06
C ALA A 4 4.56 -5.85 4.51
N GLN A 5 4.52 -5.39 5.77
CA GLN A 5 3.48 -4.47 6.27
C GLN A 5 3.63 -3.10 5.62
N ARG A 6 4.89 -2.64 5.54
CA ARG A 6 5.30 -1.37 4.93
C ARG A 6 5.38 -1.50 3.40
N CYS A 7 5.15 -0.40 2.69
CA CYS A 7 5.09 -0.41 1.22
C CYS A 7 5.30 0.98 0.57
N GLY A 8 5.64 0.97 -0.71
CA GLY A 8 5.89 2.17 -1.52
C GLY A 8 7.20 2.87 -1.14
N GLU A 9 7.32 4.18 -1.36
CA GLU A 9 8.53 4.94 -0.97
C GLU A 9 8.76 4.97 0.56
N GLN A 10 7.69 4.78 1.36
CA GLN A 10 7.77 4.59 2.81
C GLN A 10 8.19 3.16 3.20
N GLY A 11 8.07 2.21 2.27
CA GLY A 11 8.48 0.81 2.36
C GLY A 11 9.77 0.50 1.59
N SER A 12 10.62 1.49 1.34
CA SER A 12 11.89 1.34 0.59
C SER A 12 11.68 0.70 -0.80
N ASN A 13 10.59 1.10 -1.45
CA ASN A 13 10.09 0.64 -2.76
C ASN A 13 9.64 -0.84 -2.87
N MET A 14 9.35 -1.50 -1.74
CA MET A 14 8.64 -2.78 -1.72
C MET A 14 7.12 -2.51 -1.87
N GLU A 15 6.34 -3.51 -2.29
CA GLU A 15 4.91 -3.32 -2.58
C GLU A 15 4.02 -4.50 -2.17
N CYS A 16 2.72 -4.22 -2.02
CA CYS A 16 1.70 -5.20 -1.71
C CYS A 16 1.31 -6.04 -2.95
N PRO A 17 0.70 -7.22 -2.79
CA PRO A 17 0.09 -7.95 -3.91
C PRO A 17 -1.18 -7.27 -4.39
N ASN A 18 -1.67 -7.66 -5.58
CA ASN A 18 -2.86 -7.06 -6.20
C ASN A 18 -4.19 -7.51 -5.56
N ASN A 19 -4.13 -8.42 -4.59
CA ASN A 19 -5.26 -8.77 -3.70
C ASN A 19 -5.37 -7.82 -2.49
N LEU A 20 -4.60 -6.72 -2.48
CA LEU A 20 -4.37 -5.79 -1.36
C LEU A 20 -4.08 -4.38 -1.91
N CYS A 21 -3.89 -3.38 -1.04
CA CYS A 21 -3.68 -1.97 -1.39
C CYS A 21 -2.66 -1.31 -0.47
N CYS A 22 -1.79 -0.47 -1.02
CA CYS A 22 -0.80 0.30 -0.27
C CYS A 22 -1.25 1.74 -0.03
N SER A 23 -1.56 2.08 1.22
CA SER A 23 -1.90 3.46 1.63
C SER A 23 -0.80 4.48 1.32
N GLN A 24 -1.18 5.76 1.18
CA GLN A 24 -0.24 6.88 1.02
C GLN A 24 0.81 6.94 2.14
N TYR A 25 0.41 6.60 3.36
CA TYR A 25 1.25 6.62 4.55
C TYR A 25 2.27 5.45 4.56
N GLY A 26 2.11 4.48 3.66
CA GLY A 26 3.07 3.39 3.42
C GLY A 26 2.72 2.05 4.03
N TYR A 27 1.44 1.64 4.08
CA TYR A 27 1.02 0.42 4.76
C TYR A 27 0.06 -0.41 3.89
N CYS A 28 0.24 -1.73 3.88
CA CYS A 28 -0.64 -2.67 3.17
C CYS A 28 -1.96 -2.92 3.94
N GLY A 29 -3.08 -2.90 3.23
CA GLY A 29 -4.42 -3.19 3.76
C GLY A 29 -5.52 -3.04 2.71
N MET A 30 -6.75 -2.73 3.14
CA MET A 30 -7.92 -2.50 2.26
C MET A 30 -8.86 -1.42 2.80
N GLY A 31 -9.56 -0.71 1.91
CA GLY A 31 -10.55 0.33 2.24
C GLY A 31 -10.08 1.74 1.92
N GLY A 32 -10.81 2.79 2.32
CA GLY A 32 -10.55 4.17 1.90
C GLY A 32 -9.13 4.70 2.18
N ASP A 33 -8.55 4.38 3.35
CA ASP A 33 -7.18 4.75 3.69
C ASP A 33 -6.13 4.03 2.83
N TYR A 34 -6.43 2.83 2.32
CA TYR A 34 -5.48 1.98 1.61
C TYR A 34 -5.65 1.98 0.09
N CYS A 35 -6.88 1.73 -0.39
CA CYS A 35 -7.21 1.59 -1.80
C CYS A 35 -7.66 2.89 -2.47
N GLY A 36 -7.96 3.96 -1.71
CA GLY A 36 -8.54 5.22 -2.23
C GLY A 36 -7.58 6.11 -3.03
N LYS A 37 -7.80 7.43 -2.97
CA LYS A 37 -7.04 8.42 -3.77
C LYS A 37 -5.54 8.38 -3.49
N GLY A 38 -5.16 8.17 -2.24
CA GLY A 38 -3.76 8.08 -1.82
C GLY A 38 -3.05 6.75 -2.11
N CYS A 39 -3.74 5.77 -2.71
CA CYS A 39 -3.17 4.45 -2.96
C CYS A 39 -1.92 4.52 -3.84
N GLN A 40 -0.83 3.86 -3.41
CA GLN A 40 0.45 3.80 -4.12
C GLN A 40 0.52 2.63 -5.11
N ASN A 41 0.17 1.42 -4.64
CA ASN A 41 0.21 0.16 -5.41
C ASN A 41 -0.88 -0.83 -4.95
N GLY A 42 -1.11 -1.87 -5.74
CA GLY A 42 -2.15 -2.88 -5.49
C GLY A 42 -3.47 -2.57 -6.22
N ALA A 43 -4.60 -2.93 -5.62
CA ALA A 43 -5.95 -2.81 -6.19
C ALA A 43 -6.53 -1.37 -6.15
N CYS A 44 -5.70 -0.35 -6.37
CA CYS A 44 -6.03 1.06 -6.23
C CYS A 44 -7.29 1.47 -7.02
N TRP A 45 -8.21 2.18 -6.37
CA TRP A 45 -9.45 2.68 -6.96
C TRP A 45 -9.14 3.83 -7.93
N THR A 46 -9.53 3.66 -9.20
CA THR A 46 -9.45 4.64 -10.30
C THR A 46 -10.63 4.53 -11.25
N ALA A 1 15.82 0.88 12.63
CA ALA A 1 14.79 -0.18 12.64
C ALA A 1 14.31 -0.48 11.23
N ALA A 2 14.15 -1.75 10.87
CA ALA A 2 13.79 -2.17 9.52
C ALA A 2 12.31 -1.87 9.18
N ALA A 3 12.03 -1.47 7.95
CA ALA A 3 10.68 -1.22 7.42
C ALA A 3 10.08 -2.49 6.77
N ALA A 4 10.20 -3.64 7.44
CA ALA A 4 9.91 -4.97 6.90
C ALA A 4 8.42 -5.35 6.75
N GLN A 5 7.54 -4.40 7.04
CA GLN A 5 6.09 -4.44 6.80
C GLN A 5 5.62 -3.34 5.84
N ARG A 6 6.30 -2.19 5.78
CA ARG A 6 5.94 -1.03 4.95
C ARG A 6 5.99 -1.33 3.44
N CYS A 7 5.37 -0.46 2.65
CA CYS A 7 5.21 -0.54 1.20
C CYS A 7 5.34 0.86 0.56
N GLY A 8 5.46 0.94 -0.77
CA GLY A 8 5.66 2.23 -1.45
C GLY A 8 6.99 2.91 -1.10
N GLU A 9 6.99 4.24 -1.05
CA GLU A 9 8.20 5.03 -0.74
C GLU A 9 8.75 4.75 0.67
N GLN A 10 7.84 4.54 1.64
CA GLN A 10 8.18 4.17 3.02
C GLN A 10 8.77 2.76 3.09
N GLY A 11 8.40 1.92 2.11
CA GLY A 11 8.78 0.53 1.94
C GLY A 11 10.10 0.29 1.19
N SER A 12 10.94 1.32 0.99
CA SER A 12 12.14 1.25 0.12
C SER A 12 11.80 0.74 -1.30
N ASN A 13 10.71 1.25 -1.87
CA ASN A 13 10.14 0.85 -3.16
C ASN A 13 9.78 -0.65 -3.29
N MET A 14 9.41 -1.30 -2.19
CA MET A 14 8.76 -2.62 -2.16
C MET A 14 7.24 -2.42 -2.05
N GLU A 15 6.43 -3.37 -2.49
CA GLU A 15 4.98 -3.18 -2.68
C GLU A 15 4.09 -4.31 -2.13
N CYS A 16 2.82 -4.01 -1.85
CA CYS A 16 1.79 -5.00 -1.49
C CYS A 16 1.41 -5.89 -2.69
N PRO A 17 0.78 -7.07 -2.47
CA PRO A 17 0.21 -7.88 -3.54
C PRO A 17 -1.05 -7.28 -4.18
N ASN A 18 -1.46 -7.84 -5.33
CA ASN A 18 -2.61 -7.37 -6.13
C ASN A 18 -3.98 -7.73 -5.52
N ASN A 19 -3.98 -8.43 -4.39
CA ASN A 19 -5.14 -8.69 -3.52
C ASN A 19 -5.22 -7.75 -2.30
N LEU A 20 -4.45 -6.65 -2.30
CA LEU A 20 -4.26 -5.73 -1.17
C LEU A 20 -3.93 -4.31 -1.68
N CYS A 21 -3.83 -3.29 -0.80
CA CYS A 21 -3.62 -1.89 -1.17
C CYS A 21 -2.65 -1.20 -0.23
N CYS A 22 -1.72 -0.44 -0.78
CA CYS A 22 -0.76 0.36 -0.02
C CYS A 22 -1.24 1.80 0.15
N SER A 23 -1.58 2.18 1.37
CA SER A 23 -1.96 3.56 1.71
C SER A 23 -0.84 4.57 1.43
N GLN A 24 -1.22 5.85 1.30
CA GLN A 24 -0.28 6.98 1.18
C GLN A 24 0.76 7.08 2.31
N TYR A 25 0.49 6.50 3.48
CA TYR A 25 1.41 6.48 4.63
C TYR A 25 2.33 5.25 4.66
N GLY A 26 2.20 4.33 3.69
CA GLY A 26 3.12 3.19 3.50
C GLY A 26 2.70 1.89 4.15
N TYR A 27 1.40 1.63 4.30
CA TYR A 27 0.87 0.46 5.01
C TYR A 27 -0.06 -0.35 4.09
N CYS A 28 0.10 -1.68 4.08
CA CYS A 28 -0.82 -2.57 3.39
C CYS A 28 -2.12 -2.78 4.18
N GLY A 29 -3.27 -2.67 3.50
CA GLY A 29 -4.62 -2.88 4.04
C GLY A 29 -5.67 -2.78 2.91
N MET A 30 -6.92 -2.43 3.23
CA MET A 30 -7.98 -2.27 2.23
C MET A 30 -9.08 -1.24 2.60
N GLY A 31 -9.75 -0.70 1.57
CA GLY A 31 -10.82 0.31 1.68
C GLY A 31 -10.32 1.73 1.42
N GLY A 32 -11.11 2.76 1.71
CA GLY A 32 -10.85 4.16 1.31
C GLY A 32 -9.49 4.72 1.80
N ASP A 33 -9.06 4.34 3.00
CA ASP A 33 -7.77 4.77 3.55
C ASP A 33 -6.56 4.14 2.83
N TYR A 34 -6.72 2.99 2.17
CA TYR A 34 -5.63 2.19 1.58
C TYR A 34 -5.71 2.09 0.05
N CYS A 35 -6.88 1.73 -0.47
CA CYS A 35 -7.17 1.54 -1.90
C CYS A 35 -7.65 2.83 -2.59
N GLY A 36 -8.07 3.84 -1.83
CA GLY A 36 -8.63 5.10 -2.33
C GLY A 36 -7.61 6.03 -2.98
N LYS A 37 -7.88 7.34 -2.94
CA LYS A 37 -7.15 8.37 -3.71
C LYS A 37 -5.65 8.41 -3.43
N GLY A 38 -5.25 8.12 -2.20
CA GLY A 38 -3.84 8.07 -1.77
C GLY A 38 -3.08 6.79 -2.11
N CYS A 39 -3.73 5.79 -2.74
CA CYS A 39 -3.15 4.46 -2.94
C CYS A 39 -1.84 4.47 -3.77
N GLN A 40 -0.74 3.95 -3.21
CA GLN A 40 0.58 3.90 -3.83
C GLN A 40 0.72 2.73 -4.81
N ASN A 41 0.26 1.54 -4.40
CA ASN A 41 0.36 0.29 -5.16
C ASN A 41 -0.67 -0.74 -4.67
N GLY A 42 -0.86 -1.81 -5.45
CA GLY A 42 -1.86 -2.86 -5.21
C GLY A 42 -3.17 -2.63 -5.96
N ALA A 43 -4.30 -3.05 -5.38
CA ALA A 43 -5.65 -3.01 -5.94
C ALA A 43 -6.33 -1.63 -5.89
N CYS A 44 -5.59 -0.57 -6.23
CA CYS A 44 -6.04 0.83 -6.16
C CYS A 44 -7.29 1.12 -7.03
N TRP A 45 -8.16 2.01 -6.54
CA TRP A 45 -9.45 2.36 -7.15
C TRP A 45 -9.31 3.34 -8.33
N THR A 46 -8.87 2.79 -9.46
CA THR A 46 -8.62 3.49 -10.74
C THR A 46 -8.69 2.55 -11.95
N ALA A 1 14.34 -9.61 12.90
CA ALA A 1 13.17 -10.14 12.18
C ALA A 1 11.89 -9.35 12.51
N ALA A 2 10.82 -9.54 11.74
CA ALA A 2 9.50 -8.91 11.93
C ALA A 2 9.54 -7.36 11.95
N ALA A 3 10.31 -6.77 11.03
CA ALA A 3 10.55 -5.33 10.92
C ALA A 3 10.26 -4.77 9.51
N ALA A 4 9.41 -5.46 8.73
CA ALA A 4 9.18 -5.20 7.31
C ALA A 4 7.69 -4.97 6.92
N GLN A 5 6.90 -4.43 7.85
CA GLN A 5 5.48 -4.10 7.66
C GLN A 5 5.17 -3.22 6.44
N ARG A 6 5.98 -2.16 6.27
CA ARG A 6 5.79 -1.03 5.34
C ARG A 6 5.87 -1.39 3.84
N CYS A 7 5.40 -0.50 2.97
CA CYS A 7 5.32 -0.63 1.50
C CYS A 7 5.55 0.71 0.78
N GLY A 8 5.67 0.70 -0.56
CA GLY A 8 5.81 1.92 -1.38
C GLY A 8 7.14 2.68 -1.19
N GLU A 9 7.10 4.01 -1.28
CA GLU A 9 8.27 4.91 -1.08
C GLU A 9 8.84 4.83 0.35
N GLN A 10 7.98 4.57 1.33
CA GLN A 10 8.36 4.35 2.73
C GLN A 10 9.00 2.96 2.89
N GLY A 11 8.43 1.97 2.18
CA GLY A 11 8.80 0.55 2.17
C GLY A 11 10.02 0.15 1.33
N SER A 12 10.99 1.06 1.10
CA SER A 12 12.18 0.81 0.27
C SER A 12 11.85 0.26 -1.14
N ASN A 13 10.80 0.81 -1.76
CA ASN A 13 10.26 0.42 -3.07
C ASN A 13 9.70 -1.01 -3.17
N MET A 14 9.43 -1.67 -2.04
CA MET A 14 8.71 -2.96 -1.99
C MET A 14 7.20 -2.70 -1.85
N GLU A 15 6.38 -3.30 -2.70
CA GLU A 15 4.92 -3.16 -2.66
C GLU A 15 4.20 -4.32 -1.95
N CYS A 16 2.90 -4.13 -1.66
CA CYS A 16 1.98 -5.17 -1.21
C CYS A 16 1.63 -6.13 -2.39
N PRO A 17 1.00 -7.29 -2.15
CA PRO A 17 0.42 -8.07 -3.23
C PRO A 17 -0.74 -7.31 -3.89
N ASN A 18 -1.10 -7.75 -5.10
CA ASN A 18 -1.98 -7.05 -6.03
C ASN A 18 -3.45 -7.00 -5.58
N ASN A 19 -3.89 -7.92 -4.71
CA ASN A 19 -5.23 -7.93 -4.09
C ASN A 19 -5.26 -7.24 -2.72
N LEU A 20 -4.30 -6.34 -2.49
CA LEU A 20 -4.13 -5.50 -1.30
C LEU A 20 -3.73 -4.08 -1.76
N CYS A 21 -3.64 -3.10 -0.88
CA CYS A 21 -3.44 -1.70 -1.24
C CYS A 21 -2.45 -1.01 -0.29
N CYS A 22 -1.54 -0.23 -0.86
CA CYS A 22 -0.55 0.55 -0.10
C CYS A 22 -1.02 2.00 0.08
N SER A 23 -1.40 2.36 1.31
CA SER A 23 -1.83 3.72 1.67
C SER A 23 -0.75 4.78 1.43
N GLN A 24 -1.14 6.05 1.44
CA GLN A 24 -0.24 7.21 1.28
C GLN A 24 0.85 7.37 2.37
N TYR A 25 0.78 6.62 3.47
CA TYR A 25 1.84 6.52 4.48
C TYR A 25 2.65 5.21 4.40
N GLY A 26 2.40 4.38 3.39
CA GLY A 26 3.14 3.14 3.14
C GLY A 26 2.67 1.94 3.95
N TYR A 27 1.37 1.85 4.26
CA TYR A 27 0.80 0.74 5.01
C TYR A 27 -0.06 -0.15 4.10
N CYS A 28 0.12 -1.46 4.21
CA CYS A 28 -0.66 -2.45 3.48
C CYS A 28 -2.00 -2.71 4.18
N GLY A 29 -3.11 -2.58 3.44
CA GLY A 29 -4.47 -2.84 3.91
C GLY A 29 -5.48 -2.80 2.77
N MET A 30 -6.76 -2.62 3.10
CA MET A 30 -7.87 -2.69 2.14
C MET A 30 -8.97 -1.66 2.45
N GLY A 31 -9.60 -1.12 1.40
CA GLY A 31 -10.76 -0.24 1.48
C GLY A 31 -10.42 1.23 1.32
N GLY A 32 -11.29 2.13 1.77
CA GLY A 32 -11.21 3.57 1.49
C GLY A 32 -9.89 4.21 1.92
N ASP A 33 -9.36 3.83 3.08
CA ASP A 33 -8.12 4.36 3.65
C ASP A 33 -6.84 3.90 2.92
N TYR A 34 -6.90 2.78 2.19
CA TYR A 34 -5.74 2.14 1.55
C TYR A 34 -5.80 2.12 0.02
N CYS A 35 -6.97 1.80 -0.55
CA CYS A 35 -7.20 1.63 -2.00
C CYS A 35 -7.72 2.89 -2.71
N GLY A 36 -8.16 3.90 -1.95
CA GLY A 36 -8.71 5.15 -2.45
C GLY A 36 -7.66 6.16 -2.92
N LYS A 37 -7.96 7.46 -2.74
CA LYS A 37 -7.23 8.62 -3.28
C LYS A 37 -5.72 8.55 -3.14
N GLY A 38 -5.25 8.25 -1.93
CA GLY A 38 -3.83 8.17 -1.57
C GLY A 38 -3.08 6.92 -2.05
N CYS A 39 -3.78 5.94 -2.65
CA CYS A 39 -3.21 4.61 -2.93
C CYS A 39 -1.97 4.68 -3.85
N GLN A 40 -0.86 4.08 -3.41
CA GLN A 40 0.43 4.12 -4.10
C GLN A 40 0.58 2.96 -5.13
N ASN A 41 0.17 1.76 -4.75
CA ASN A 41 0.27 0.52 -5.54
C ASN A 41 -0.64 -0.59 -4.94
N GLY A 42 -0.98 -1.60 -5.74
CA GLY A 42 -1.93 -2.67 -5.40
C GLY A 42 -3.29 -2.45 -6.07
N ALA A 43 -4.39 -2.81 -5.42
CA ALA A 43 -5.75 -2.75 -5.95
C ALA A 43 -6.37 -1.32 -5.94
N CYS A 44 -5.62 -0.30 -6.34
CA CYS A 44 -6.06 1.11 -6.32
C CYS A 44 -7.30 1.37 -7.20
N TRP A 45 -8.15 2.31 -6.79
CA TRP A 45 -9.42 2.67 -7.47
C TRP A 45 -9.26 3.70 -8.62
N THR A 46 -8.16 3.61 -9.36
CA THR A 46 -7.68 4.57 -10.38
C THR A 46 -8.62 4.78 -11.57
N ALA A 1 9.03 0.09 13.84
CA ALA A 1 8.52 -1.16 13.26
C ALA A 1 9.50 -2.31 13.51
N ALA A 2 8.97 -3.45 13.94
CA ALA A 2 9.71 -4.69 14.17
C ALA A 2 9.99 -5.50 12.89
N ALA A 3 9.41 -5.12 11.75
CA ALA A 3 9.51 -5.86 10.49
C ALA A 3 9.43 -4.96 9.24
N ALA A 4 9.93 -5.45 8.12
CA ALA A 4 9.95 -4.80 6.78
C ALA A 4 8.57 -4.78 6.08
N GLN A 5 7.50 -4.66 6.85
CA GLN A 5 6.10 -4.78 6.44
C GLN A 5 5.53 -3.54 5.72
N ARG A 6 6.22 -2.40 5.81
CA ARG A 6 5.97 -1.14 5.06
C ARG A 6 6.03 -1.37 3.53
N CYS A 7 5.44 -0.46 2.76
CA CYS A 7 5.33 -0.51 1.29
C CYS A 7 5.47 0.89 0.67
N GLY A 8 5.60 1.00 -0.66
CA GLY A 8 5.74 2.29 -1.34
C GLY A 8 7.06 3.02 -1.06
N GLU A 9 7.08 4.35 -1.12
CA GLU A 9 8.29 5.16 -0.89
C GLU A 9 8.79 5.13 0.57
N GLN A 10 7.88 4.99 1.55
CA GLN A 10 8.24 4.75 2.95
C GLN A 10 8.81 3.32 3.13
N GLY A 11 8.35 2.41 2.25
CA GLY A 11 8.76 1.01 2.12
C GLY A 11 9.99 0.77 1.25
N SER A 12 10.77 1.80 0.88
CA SER A 12 11.93 1.69 -0.01
C SER A 12 11.62 0.95 -1.33
N ASN A 13 10.48 1.28 -1.95
CA ASN A 13 9.93 0.68 -3.16
C ASN A 13 9.56 -0.82 -3.11
N MET A 14 9.47 -1.42 -1.92
CA MET A 14 8.84 -2.72 -1.70
C MET A 14 7.30 -2.53 -1.70
N GLU A 15 6.52 -3.56 -1.99
CA GLU A 15 5.08 -3.39 -2.28
C GLU A 15 4.14 -4.45 -1.67
N CYS A 16 2.83 -4.14 -1.68
CA CYS A 16 1.76 -5.08 -1.38
C CYS A 16 1.36 -5.84 -2.67
N PRO A 17 0.78 -7.06 -2.60
CA PRO A 17 0.30 -7.80 -3.77
C PRO A 17 -0.97 -7.21 -4.41
N ASN A 18 -1.35 -7.72 -5.59
CA ASN A 18 -2.48 -7.27 -6.41
C ASN A 18 -3.87 -7.60 -5.83
N ASN A 19 -3.90 -8.28 -4.68
CA ASN A 19 -5.10 -8.50 -3.84
C ASN A 19 -5.20 -7.51 -2.64
N LEU A 20 -4.29 -6.55 -2.52
CA LEU A 20 -4.12 -5.67 -1.36
C LEU A 20 -3.79 -4.24 -1.81
N CYS A 21 -3.78 -3.24 -0.93
CA CYS A 21 -3.61 -1.83 -1.28
C CYS A 21 -2.59 -1.17 -0.34
N CYS A 22 -1.61 -0.47 -0.91
CA CYS A 22 -0.63 0.30 -0.17
C CYS A 22 -1.10 1.73 0.05
N SER A 23 -1.43 2.07 1.29
CA SER A 23 -1.85 3.42 1.69
C SER A 23 -0.79 4.49 1.39
N GLN A 24 -1.21 5.75 1.37
CA GLN A 24 -0.32 6.89 1.12
C GLN A 24 0.83 7.04 2.12
N TYR A 25 0.70 6.48 3.33
CA TYR A 25 1.75 6.46 4.38
C TYR A 25 2.61 5.17 4.37
N GLY A 26 2.34 4.25 3.43
CA GLY A 26 3.13 3.05 3.19
C GLY A 26 2.66 1.80 3.94
N TYR A 27 1.36 1.66 4.18
CA TYR A 27 0.78 0.55 4.96
C TYR A 27 -0.18 -0.30 4.12
N CYS A 28 0.00 -1.62 4.15
CA CYS A 28 -0.85 -2.56 3.42
C CYS A 28 -2.21 -2.80 4.12
N GLY A 29 -3.30 -2.78 3.35
CA GLY A 29 -4.67 -3.08 3.82
C GLY A 29 -5.72 -2.96 2.71
N MET A 30 -6.99 -2.78 3.09
CA MET A 30 -8.13 -2.62 2.16
C MET A 30 -9.14 -1.56 2.63
N GLY A 31 -9.79 -0.87 1.69
CA GLY A 31 -10.81 0.16 1.94
C GLY A 31 -10.30 1.58 1.66
N GLY A 32 -11.12 2.61 1.87
CA GLY A 32 -10.82 3.99 1.45
C GLY A 32 -9.50 4.57 1.95
N ASP A 33 -9.07 4.21 3.16
CA ASP A 33 -7.78 4.59 3.75
C ASP A 33 -6.56 3.87 3.11
N TYR A 34 -6.78 2.85 2.29
CA TYR A 34 -5.74 2.04 1.65
C TYR A 34 -5.84 2.08 0.12
N CYS A 35 -7.01 1.75 -0.43
CA CYS A 35 -7.29 1.62 -1.86
C CYS A 35 -7.75 2.91 -2.55
N GLY A 36 -8.01 4.00 -1.81
CA GLY A 36 -8.45 5.29 -2.35
C GLY A 36 -7.40 6.05 -3.16
N LYS A 37 -7.58 7.36 -3.34
CA LYS A 37 -6.75 8.17 -4.27
C LYS A 37 -5.32 8.43 -3.81
N GLY A 38 -5.03 8.33 -2.50
CA GLY A 38 -3.69 8.39 -1.95
C GLY A 38 -2.80 7.18 -2.28
N CYS A 39 -3.39 6.07 -2.75
CA CYS A 39 -2.71 4.77 -2.90
C CYS A 39 -1.39 4.82 -3.69
N GLN A 40 -0.40 4.07 -3.21
CA GLN A 40 0.91 3.93 -3.85
C GLN A 40 0.98 2.73 -4.81
N ASN A 41 0.40 1.57 -4.47
CA ASN A 41 0.37 0.36 -5.32
C ASN A 41 -0.72 -0.65 -4.87
N GLY A 42 -1.12 -1.56 -5.78
CA GLY A 42 -2.03 -2.68 -5.48
C GLY A 42 -3.42 -2.57 -6.13
N ALA A 43 -4.44 -3.11 -5.47
CA ALA A 43 -5.84 -3.23 -5.92
C ALA A 43 -6.65 -1.91 -5.82
N CYS A 44 -6.01 -0.78 -6.11
CA CYS A 44 -6.52 0.55 -5.84
C CYS A 44 -7.52 1.10 -6.88
N TRP A 45 -8.37 2.01 -6.41
CA TRP A 45 -9.55 2.55 -7.08
C TRP A 45 -9.21 3.76 -7.96
N THR A 46 -9.18 3.54 -9.28
CA THR A 46 -8.83 4.55 -10.31
C THR A 46 -9.87 5.66 -10.43
N ALA A 1 9.77 -10.88 14.33
CA ALA A 1 9.80 -10.51 12.90
C ALA A 1 10.74 -9.32 12.67
N ALA A 2 11.29 -9.21 11.45
CA ALA A 2 12.14 -8.10 11.03
C ALA A 2 11.36 -6.78 10.81
N ALA A 3 12.07 -5.66 10.65
CA ALA A 3 11.47 -4.36 10.29
C ALA A 3 11.45 -4.19 8.76
N ALA A 4 10.39 -4.68 8.10
CA ALA A 4 10.21 -4.67 6.65
C ALA A 4 8.73 -4.69 6.20
N GLN A 5 7.81 -4.23 7.07
CA GLN A 5 6.35 -4.33 6.89
C GLN A 5 5.77 -3.31 5.90
N ARG A 6 6.27 -2.08 5.95
CA ARG A 6 5.83 -0.93 5.12
C ARG A 6 5.95 -1.21 3.62
N CYS A 7 5.22 -0.46 2.81
CA CYS A 7 5.14 -0.51 1.35
C CYS A 7 5.37 0.88 0.73
N GLY A 8 5.56 0.96 -0.60
CA GLY A 8 5.80 2.22 -1.30
C GLY A 8 7.17 2.81 -1.02
N GLU A 9 7.32 4.13 -1.18
CA GLU A 9 8.58 4.83 -0.88
C GLU A 9 8.98 4.71 0.60
N GLN A 10 7.99 4.69 1.49
CA GLN A 10 8.18 4.49 2.94
C GLN A 10 8.51 3.03 3.27
N GLY A 11 8.32 2.13 2.29
CA GLY A 11 8.52 0.69 2.33
C GLY A 11 9.73 0.19 1.55
N SER A 12 10.66 1.05 1.12
CA SER A 12 11.79 0.66 0.23
C SER A 12 11.33 -0.04 -1.06
N ASN A 13 10.17 0.35 -1.61
CA ASN A 13 9.48 -0.32 -2.72
C ASN A 13 9.20 -1.83 -2.53
N MET A 14 9.01 -2.26 -1.27
CA MET A 14 8.49 -3.58 -0.92
C MET A 14 6.95 -3.54 -1.07
N GLU A 15 6.49 -3.41 -2.31
CA GLU A 15 5.09 -3.12 -2.63
C GLU A 15 4.12 -4.24 -2.19
N CYS A 16 2.86 -3.88 -1.91
CA CYS A 16 1.82 -4.83 -1.55
C CYS A 16 1.44 -5.70 -2.77
N PRO A 17 0.96 -6.94 -2.58
CA PRO A 17 0.46 -7.76 -3.69
C PRO A 17 -0.83 -7.21 -4.30
N ASN A 18 -1.17 -7.74 -5.48
CA ASN A 18 -2.28 -7.33 -6.35
C ASN A 18 -3.67 -7.61 -5.73
N ASN A 19 -3.72 -8.40 -4.66
CA ASN A 19 -4.92 -8.63 -3.85
C ASN A 19 -5.15 -7.55 -2.75
N LEU A 20 -4.19 -6.65 -2.52
CA LEU A 20 -4.10 -5.72 -1.37
C LEU A 20 -3.86 -4.26 -1.85
N CYS A 21 -3.79 -3.28 -0.96
CA CYS A 21 -3.64 -1.85 -1.29
C CYS A 21 -2.63 -1.15 -0.37
N CYS A 22 -1.77 -0.31 -0.93
CA CYS A 22 -0.79 0.49 -0.19
C CYS A 22 -1.26 1.94 0.01
N SER A 23 -1.57 2.30 1.25
CA SER A 23 -1.84 3.68 1.70
C SER A 23 -0.74 4.68 1.27
N GLN A 24 -1.09 5.96 1.14
CA GLN A 24 -0.16 7.08 0.93
C GLN A 24 0.95 7.18 1.99
N TYR A 25 0.75 6.65 3.20
CA TYR A 25 1.77 6.58 4.24
C TYR A 25 2.62 5.29 4.25
N GLY A 26 2.39 4.37 3.30
CA GLY A 26 3.16 3.14 3.18
C GLY A 26 2.65 1.97 4.00
N TYR A 27 1.34 1.86 4.19
CA TYR A 27 0.70 0.77 4.95
C TYR A 27 -0.14 -0.12 4.03
N CYS A 28 0.11 -1.43 4.05
CA CYS A 28 -0.70 -2.43 3.35
C CYS A 28 -2.01 -2.75 4.09
N GLY A 29 -3.13 -2.73 3.36
CA GLY A 29 -4.47 -3.09 3.86
C GLY A 29 -5.50 -3.06 2.74
N MET A 30 -6.78 -2.83 3.09
CA MET A 30 -7.89 -2.68 2.14
C MET A 30 -8.96 -1.70 2.65
N GLY A 31 -9.64 -1.03 1.71
CA GLY A 31 -10.72 -0.07 1.98
C GLY A 31 -10.31 1.37 1.68
N GLY A 32 -11.22 2.33 1.85
CA GLY A 32 -11.05 3.72 1.40
C GLY A 32 -9.75 4.40 1.82
N ASP A 33 -9.27 4.16 3.04
CA ASP A 33 -7.99 4.68 3.55
C ASP A 33 -6.75 4.09 2.85
N TYR A 34 -6.85 2.89 2.28
CA TYR A 34 -5.74 2.15 1.65
C TYR A 34 -5.84 2.17 0.12
N CYS A 35 -7.02 1.87 -0.42
CA CYS A 35 -7.28 1.65 -1.84
C CYS A 35 -7.73 2.92 -2.58
N GLY A 36 -8.15 3.99 -1.88
CA GLY A 36 -8.79 5.15 -2.50
C GLY A 36 -7.80 6.21 -3.01
N LYS A 37 -7.94 7.43 -2.52
CA LYS A 37 -7.02 8.54 -2.75
C LYS A 37 -5.70 8.27 -2.04
N GLY A 38 -4.65 8.70 -2.71
CA GLY A 38 -3.25 8.55 -2.32
C GLY A 38 -2.65 7.14 -2.48
N CYS A 39 -3.44 6.12 -2.85
CA CYS A 39 -3.02 4.72 -2.97
C CYS A 39 -1.81 4.54 -3.90
N GLN A 40 -0.70 4.03 -3.36
CA GLN A 40 0.60 3.96 -4.01
C GLN A 40 0.75 2.74 -4.93
N ASN A 41 0.19 1.57 -4.56
CA ASN A 41 0.28 0.31 -5.32
C ASN A 41 -0.79 -0.71 -4.88
N GLY A 42 -1.02 -1.73 -5.71
CA GLY A 42 -2.01 -2.78 -5.48
C GLY A 42 -3.36 -2.52 -6.15
N ALA A 43 -4.44 -2.96 -5.50
CA ALA A 43 -5.83 -2.88 -5.95
C ALA A 43 -6.46 -1.48 -5.77
N CYS A 44 -5.75 -0.43 -6.18
CA CYS A 44 -6.17 0.96 -6.05
C CYS A 44 -7.41 1.29 -6.90
N TRP A 45 -8.40 1.96 -6.31
CA TRP A 45 -9.64 2.40 -6.95
C TRP A 45 -9.36 3.44 -8.03
N THR A 46 -9.28 3.00 -9.28
CA THR A 46 -8.88 3.80 -10.45
C THR A 46 -10.00 3.84 -11.49
N ALA A 1 11.61 -13.03 7.86
CA ALA A 1 10.21 -12.56 7.73
C ALA A 1 9.98 -11.91 6.38
N ALA A 2 8.78 -12.09 5.81
CA ALA A 2 8.43 -11.68 4.44
C ALA A 2 8.30 -10.15 4.24
N ALA A 3 8.10 -9.38 5.31
CA ALA A 3 7.90 -7.92 5.29
C ALA A 3 6.66 -7.47 4.48
N ALA A 4 5.53 -8.17 4.62
CA ALA A 4 4.25 -7.83 4.00
C ALA A 4 3.36 -6.93 4.90
N GLN A 5 3.96 -5.91 5.53
CA GLN A 5 3.25 -4.83 6.24
C GLN A 5 3.47 -3.46 5.59
N ARG A 6 4.75 -3.07 5.46
CA ARG A 6 5.18 -1.80 4.86
C ARG A 6 5.32 -1.91 3.34
N CYS A 7 5.18 -0.77 2.66
CA CYS A 7 5.13 -0.67 1.21
C CYS A 7 5.35 0.77 0.73
N GLY A 8 5.48 0.94 -0.59
CA GLY A 8 5.51 2.22 -1.27
C GLY A 8 6.85 2.96 -1.16
N GLU A 9 6.81 4.29 -1.32
CA GLU A 9 8.00 5.14 -1.21
C GLU A 9 8.65 5.09 0.18
N GLN A 10 7.88 4.74 1.22
CA GLN A 10 8.32 4.54 2.60
C GLN A 10 8.90 3.14 2.81
N GLY A 11 8.33 2.14 2.13
CA GLY A 11 8.62 0.71 2.26
C GLY A 11 9.80 0.22 1.43
N SER A 12 10.84 1.05 1.24
CA SER A 12 12.01 0.76 0.36
C SER A 12 11.61 0.34 -1.07
N ASN A 13 10.50 0.89 -1.58
CA ASN A 13 9.89 0.58 -2.87
C ASN A 13 9.38 -0.87 -3.04
N MET A 14 9.06 -1.56 -1.93
CA MET A 14 8.31 -2.82 -1.90
C MET A 14 6.81 -2.50 -2.04
N GLU A 15 5.99 -3.45 -2.46
CA GLU A 15 4.59 -3.20 -2.84
C GLU A 15 3.62 -4.36 -2.50
N CYS A 16 2.32 -4.04 -2.48
CA CYS A 16 1.23 -4.96 -2.14
C CYS A 16 0.68 -5.69 -3.40
N PRO A 17 0.12 -6.90 -3.26
CA PRO A 17 -0.46 -7.68 -4.36
C PRO A 17 -1.77 -7.10 -4.93
N ASN A 18 -2.29 -7.70 -6.00
CA ASN A 18 -3.43 -7.20 -6.80
C ASN A 18 -4.82 -7.35 -6.12
N ASN A 19 -4.83 -7.79 -4.86
CA ASN A 19 -6.00 -7.82 -3.96
C ASN A 19 -5.74 -7.12 -2.61
N LEU A 20 -4.73 -6.25 -2.54
CA LEU A 20 -4.34 -5.47 -1.36
C LEU A 20 -3.89 -4.07 -1.82
N CYS A 21 -3.82 -3.07 -0.94
CA CYS A 21 -3.62 -1.68 -1.33
C CYS A 21 -2.62 -1.00 -0.40
N CYS A 22 -1.66 -0.28 -0.97
CA CYS A 22 -0.67 0.46 -0.20
C CYS A 22 -1.14 1.89 0.08
N SER A 23 -1.48 2.18 1.33
CA SER A 23 -1.89 3.52 1.76
C SER A 23 -0.81 4.57 1.54
N GLN A 24 -1.21 5.84 1.43
CA GLN A 24 -0.32 7.00 1.35
C GLN A 24 0.70 7.11 2.50
N TYR A 25 0.43 6.46 3.64
CA TYR A 25 1.31 6.47 4.81
C TYR A 25 2.35 5.33 4.78
N GLY A 26 2.24 4.38 3.83
CA GLY A 26 3.19 3.27 3.60
C GLY A 26 2.77 1.90 4.10
N TYR A 27 1.48 1.59 4.17
CA TYR A 27 0.98 0.35 4.78
C TYR A 27 0.05 -0.42 3.84
N CYS A 28 0.24 -1.73 3.74
CA CYS A 28 -0.67 -2.63 3.05
C CYS A 28 -1.97 -2.85 3.87
N GLY A 29 -3.12 -2.77 3.20
CA GLY A 29 -4.45 -2.99 3.78
C GLY A 29 -5.55 -2.89 2.70
N MET A 30 -6.80 -2.61 3.09
CA MET A 30 -7.92 -2.50 2.13
C MET A 30 -9.04 -1.55 2.60
N GLY A 31 -9.65 -0.82 1.65
CA GLY A 31 -10.70 0.17 1.89
C GLY A 31 -10.20 1.61 1.72
N GLY A 32 -11.02 2.62 2.03
CA GLY A 32 -10.77 4.03 1.71
C GLY A 32 -9.39 4.60 2.08
N ASP A 33 -8.89 4.31 3.29
CA ASP A 33 -7.56 4.74 3.73
C ASP A 33 -6.40 4.07 2.97
N TYR A 34 -6.65 2.99 2.23
CA TYR A 34 -5.63 2.19 1.53
C TYR A 34 -5.78 2.21 0.00
N CYS A 35 -6.98 1.94 -0.52
CA CYS A 35 -7.28 1.76 -1.94
C CYS A 35 -7.77 3.05 -2.64
N GLY A 36 -8.09 4.09 -1.87
CA GLY A 36 -8.60 5.39 -2.35
C GLY A 36 -7.56 6.26 -3.06
N LYS A 37 -7.78 7.58 -3.11
CA LYS A 37 -6.92 8.54 -3.84
C LYS A 37 -5.46 8.58 -3.37
N GLY A 38 -5.18 8.12 -2.15
CA GLY A 38 -3.83 7.99 -1.59
C GLY A 38 -3.11 6.68 -1.94
N CYS A 39 -3.74 5.76 -2.68
CA CYS A 39 -3.18 4.44 -2.99
C CYS A 39 -1.91 4.51 -3.86
N GLN A 40 -0.81 3.97 -3.34
CA GLN A 40 0.53 3.99 -3.97
C GLN A 40 0.77 2.81 -4.93
N ASN A 41 0.23 1.62 -4.62
CA ASN A 41 0.35 0.40 -5.43
C ASN A 41 -0.67 -0.67 -4.99
N GLY A 42 -0.87 -1.71 -5.81
CA GLY A 42 -1.81 -2.80 -5.55
C GLY A 42 -3.17 -2.60 -6.24
N ALA A 43 -4.23 -2.99 -5.55
CA ALA A 43 -5.63 -3.01 -6.00
C ALA A 43 -6.33 -1.63 -5.94
N CYS A 44 -5.61 -0.55 -6.23
CA CYS A 44 -6.12 0.82 -6.21
C CYS A 44 -7.37 0.99 -7.09
N TRP A 45 -8.28 1.89 -6.68
CA TRP A 45 -9.57 2.07 -7.37
C TRP A 45 -9.49 2.95 -8.62
N THR A 46 -8.85 4.13 -8.54
CA THR A 46 -8.64 5.04 -9.67
C THR A 46 -7.47 4.60 -10.53
N ALA A 1 17.85 -1.79 5.67
CA ALA A 1 17.86 -2.23 7.09
C ALA A 1 16.90 -3.40 7.30
N ALA A 2 16.99 -4.04 8.47
CA ALA A 2 16.26 -5.27 8.77
C ALA A 2 14.72 -5.18 8.68
N ALA A 3 14.11 -4.09 9.16
CA ALA A 3 12.66 -3.87 9.04
C ALA A 3 12.24 -3.53 7.60
N ALA A 4 11.16 -4.18 7.14
CA ALA A 4 10.60 -4.04 5.79
C ALA A 4 9.08 -4.37 5.78
N GLN A 5 8.32 -3.90 6.77
CA GLN A 5 6.87 -4.13 6.89
C GLN A 5 6.02 -3.04 6.20
N ARG A 6 6.59 -1.85 5.94
CA ARG A 6 5.99 -0.79 5.12
C ARG A 6 6.02 -1.15 3.62
N CYS A 7 5.26 -0.40 2.82
CA CYS A 7 5.15 -0.51 1.37
C CYS A 7 5.31 0.88 0.71
N GLY A 8 5.44 0.94 -0.62
CA GLY A 8 5.69 2.19 -1.36
C GLY A 8 7.07 2.79 -1.08
N GLU A 9 7.20 4.11 -1.21
CA GLU A 9 8.43 4.85 -0.91
C GLU A 9 8.89 4.70 0.56
N GLN A 10 7.96 4.64 1.52
CA GLN A 10 8.25 4.37 2.93
C GLN A 10 8.79 2.93 3.10
N GLY A 11 8.17 2.03 2.34
CA GLY A 11 8.52 0.63 2.18
C GLY A 11 9.77 0.32 1.35
N SER A 12 10.62 1.31 1.08
CA SER A 12 11.87 1.15 0.30
C SER A 12 11.61 0.54 -1.09
N ASN A 13 10.55 1.03 -1.75
CA ASN A 13 10.07 0.62 -3.07
C ASN A 13 9.51 -0.82 -3.17
N MET A 14 9.21 -1.45 -2.03
CA MET A 14 8.48 -2.74 -1.95
C MET A 14 6.97 -2.52 -1.96
N GLU A 15 6.21 -3.50 -2.46
CA GLU A 15 4.78 -3.38 -2.74
C GLU A 15 3.89 -4.49 -2.13
N CYS A 16 2.61 -4.18 -1.94
CA CYS A 16 1.56 -5.13 -1.57
C CYS A 16 1.15 -5.99 -2.79
N PRO A 17 0.52 -7.17 -2.58
CA PRO A 17 -0.10 -7.94 -3.66
C PRO A 17 -1.32 -7.24 -4.27
N ASN A 18 -1.77 -7.72 -5.42
CA ASN A 18 -2.89 -7.16 -6.20
C ASN A 18 -4.27 -7.38 -5.54
N ASN A 19 -4.36 -8.24 -4.52
CA ASN A 19 -5.55 -8.47 -3.68
C ASN A 19 -5.60 -7.54 -2.44
N LEU A 20 -4.73 -6.52 -2.40
CA LEU A 20 -4.46 -5.63 -1.27
C LEU A 20 -4.08 -4.22 -1.79
N CYS A 21 -3.85 -3.24 -0.91
CA CYS A 21 -3.59 -1.85 -1.26
C CYS A 21 -2.60 -1.19 -0.30
N CYS A 22 -1.69 -0.40 -0.85
CA CYS A 22 -0.71 0.37 -0.09
C CYS A 22 -1.19 1.81 0.13
N SER A 23 -1.54 2.17 1.36
CA SER A 23 -1.96 3.54 1.73
C SER A 23 -0.89 4.60 1.46
N GLN A 24 -1.31 5.87 1.39
CA GLN A 24 -0.41 7.02 1.20
C GLN A 24 0.73 7.12 2.23
N TYR A 25 0.51 6.64 3.46
CA TYR A 25 1.49 6.57 4.54
C TYR A 25 2.41 5.32 4.48
N GLY A 26 2.22 4.42 3.53
CA GLY A 26 3.09 3.26 3.31
C GLY A 26 2.70 1.99 4.07
N TYR A 27 1.41 1.76 4.30
CA TYR A 27 0.90 0.59 5.01
C TYR A 27 0.03 -0.27 4.09
N CYS A 28 0.23 -1.59 4.10
CA CYS A 28 -0.67 -2.52 3.40
C CYS A 28 -1.99 -2.70 4.17
N GLY A 29 -3.12 -2.69 3.45
CA GLY A 29 -4.48 -2.90 3.96
C GLY A 29 -5.50 -2.86 2.83
N MET A 30 -6.77 -2.55 3.13
CA MET A 30 -7.85 -2.47 2.12
C MET A 30 -8.96 -1.48 2.50
N GLY A 31 -9.66 -0.96 1.48
CA GLY A 31 -10.74 0.03 1.63
C GLY A 31 -10.23 1.46 1.44
N GLY A 32 -11.06 2.46 1.69
CA GLY A 32 -10.79 3.86 1.31
C GLY A 32 -9.45 4.43 1.79
N ASP A 33 -9.08 4.15 3.04
CA ASP A 33 -7.81 4.59 3.62
C ASP A 33 -6.56 3.96 2.96
N TYR A 34 -6.72 2.89 2.15
CA TYR A 34 -5.63 2.17 1.49
C TYR A 34 -5.73 2.16 -0.05
N CYS A 35 -6.90 1.77 -0.57
CA CYS A 35 -7.21 1.61 -1.99
C CYS A 35 -7.69 2.91 -2.67
N GLY A 36 -8.11 3.90 -1.88
CA GLY A 36 -8.66 5.18 -2.36
C GLY A 36 -7.62 6.12 -2.98
N LYS A 37 -7.86 7.43 -2.90
CA LYS A 37 -7.07 8.46 -3.62
C LYS A 37 -5.58 8.52 -3.28
N GLY A 38 -5.18 7.99 -2.13
CA GLY A 38 -3.78 7.88 -1.69
C GLY A 38 -3.05 6.58 -2.07
N CYS A 39 -3.71 5.65 -2.76
CA CYS A 39 -3.16 4.30 -3.02
C CYS A 39 -1.87 4.33 -3.86
N GLN A 40 -0.78 3.83 -3.29
CA GLN A 40 0.57 3.83 -3.87
C GLN A 40 0.85 2.61 -4.78
N ASN A 41 0.25 1.46 -4.48
CA ASN A 41 0.29 0.21 -5.28
C ASN A 41 -0.82 -0.75 -4.79
N GLY A 42 -1.12 -1.79 -5.59
CA GLY A 42 -2.17 -2.77 -5.31
C GLY A 42 -3.47 -2.52 -6.10
N ALA A 43 -4.62 -2.85 -5.50
CA ALA A 43 -5.96 -2.80 -6.11
C ALA A 43 -6.56 -1.37 -6.22
N CYS A 44 -5.71 -0.36 -6.45
CA CYS A 44 -6.05 1.07 -6.38
C CYS A 44 -7.29 1.46 -7.19
N TRP A 45 -8.17 2.24 -6.58
CA TRP A 45 -9.36 2.81 -7.23
C TRP A 45 -8.94 3.84 -8.29
N THR A 46 -9.48 3.70 -9.50
CA THR A 46 -9.13 4.50 -10.70
C THR A 46 -9.50 5.97 -10.54
N ALA A 1 -4.03 2.99 10.49
CA ALA A 1 -3.76 1.69 11.11
C ALA A 1 -2.83 0.88 10.22
N ALA A 2 -1.94 0.09 10.83
CA ALA A 2 -0.95 -0.76 10.16
C ALA A 2 -1.16 -2.25 10.47
N ALA A 3 -0.63 -3.12 9.62
CA ALA A 3 -0.73 -4.58 9.74
C ALA A 3 0.56 -5.30 9.30
N ALA A 4 1.68 -4.97 9.95
CA ALA A 4 2.97 -5.67 9.82
C ALA A 4 3.45 -5.87 8.35
N GLN A 5 3.30 -4.83 7.52
CA GLN A 5 3.55 -4.79 6.10
C GLN A 5 3.55 -3.34 5.59
N ARG A 6 4.74 -2.75 5.65
CA ARG A 6 5.12 -1.45 5.06
C ARG A 6 5.39 -1.54 3.56
N CYS A 7 5.13 -0.47 2.82
CA CYS A 7 5.14 -0.46 1.34
C CYS A 7 5.36 0.91 0.67
N GLY A 8 5.72 0.87 -0.62
CA GLY A 8 5.96 2.05 -1.45
C GLY A 8 7.18 2.86 -1.00
N GLU A 9 7.10 4.20 -1.11
CA GLU A 9 8.18 5.11 -0.73
C GLU A 9 8.47 5.14 0.79
N GLN A 10 7.56 4.59 1.62
CA GLN A 10 7.76 4.32 3.04
C GLN A 10 7.74 2.81 3.37
N GLY A 11 8.18 1.98 2.41
CA GLY A 11 8.45 0.55 2.54
C GLY A 11 9.67 0.10 1.72
N SER A 12 10.68 0.98 1.57
CA SER A 12 11.91 0.74 0.79
C SER A 12 11.66 0.29 -0.66
N ASN A 13 10.65 0.90 -1.30
CA ASN A 13 10.18 0.58 -2.65
C ASN A 13 9.76 -0.90 -2.84
N MET A 14 9.28 -1.54 -1.78
CA MET A 14 8.62 -2.85 -1.82
C MET A 14 7.11 -2.63 -1.92
N GLU A 15 6.42 -3.46 -2.70
CA GLU A 15 4.98 -3.27 -2.97
C GLU A 15 4.09 -4.35 -2.35
N CYS A 16 2.85 -3.97 -2.04
CA CYS A 16 1.82 -4.91 -1.56
C CYS A 16 1.44 -5.87 -2.70
N PRO A 17 0.92 -7.07 -2.39
CA PRO A 17 0.37 -7.94 -3.41
C PRO A 17 -0.86 -7.31 -4.10
N ASN A 18 -1.16 -7.85 -5.27
CA ASN A 18 -2.21 -7.39 -6.17
C ASN A 18 -3.63 -7.64 -5.63
N ASN A 19 -3.73 -8.35 -4.50
CA ASN A 19 -4.95 -8.61 -3.74
C ASN A 19 -5.16 -7.62 -2.57
N LEU A 20 -4.34 -6.55 -2.50
CA LEU A 20 -4.20 -5.61 -1.38
C LEU A 20 -3.84 -4.21 -1.89
N CYS A 21 -3.81 -3.18 -1.04
CA CYS A 21 -3.63 -1.78 -1.42
C CYS A 21 -2.61 -1.09 -0.52
N CYS A 22 -1.73 -0.26 -1.09
CA CYS A 22 -0.72 0.49 -0.34
C CYS A 22 -1.13 1.95 -0.14
N SER A 23 -1.46 2.32 1.10
CA SER A 23 -1.80 3.70 1.49
C SER A 23 -0.66 4.70 1.25
N GLN A 24 -1.00 5.99 1.11
CA GLN A 24 -0.01 7.07 0.87
C GLN A 24 1.05 7.22 1.97
N TYR A 25 0.74 6.84 3.22
CA TYR A 25 1.70 6.88 4.33
C TYR A 25 2.58 5.62 4.42
N GLY A 26 2.33 4.58 3.61
CA GLY A 26 3.20 3.42 3.44
C GLY A 26 2.71 2.11 4.02
N TYR A 27 1.40 1.87 4.12
CA TYR A 27 0.83 0.72 4.80
C TYR A 27 -0.03 -0.12 3.87
N CYS A 28 0.21 -1.43 3.83
CA CYS A 28 -0.69 -2.37 3.16
C CYS A 28 -1.98 -2.58 3.96
N GLY A 29 -3.13 -2.57 3.29
CA GLY A 29 -4.46 -2.87 3.84
C GLY A 29 -5.54 -2.88 2.76
N MET A 30 -6.82 -2.88 3.17
CA MET A 30 -7.97 -2.95 2.26
C MET A 30 -9.11 -2.03 2.70
N GLY A 31 -9.58 -1.19 1.79
CA GLY A 31 -10.60 -0.14 2.03
C GLY A 31 -10.08 1.28 1.79
N GLY A 32 -10.91 2.30 1.96
CA GLY A 32 -10.66 3.69 1.53
C GLY A 32 -9.33 4.31 1.99
N ASP A 33 -8.86 4.02 3.21
CA ASP A 33 -7.56 4.49 3.70
C ASP A 33 -6.37 3.95 2.90
N TYR A 34 -6.54 2.83 2.18
CA TYR A 34 -5.49 2.10 1.46
C TYR A 34 -5.71 2.07 -0.06
N CYS A 35 -6.94 1.76 -0.48
CA CYS A 35 -7.37 1.59 -1.87
C CYS A 35 -7.97 2.86 -2.49
N GLY A 36 -8.21 3.90 -1.68
CA GLY A 36 -8.76 5.19 -2.11
C GLY A 36 -7.73 6.10 -2.79
N LYS A 37 -7.92 7.42 -2.64
CA LYS A 37 -7.16 8.44 -3.40
C LYS A 37 -5.65 8.39 -3.19
N GLY A 38 -5.17 7.97 -2.02
CA GLY A 38 -3.75 7.93 -1.69
C GLY A 38 -2.96 6.73 -2.24
N CYS A 39 -3.58 5.81 -2.99
CA CYS A 39 -2.96 4.54 -3.39
C CYS A 39 -1.60 4.68 -4.13
N GLN A 40 -0.56 4.02 -3.61
CA GLN A 40 0.79 3.94 -4.20
C GLN A 40 0.95 2.76 -5.18
N ASN A 41 0.54 1.57 -4.76
CA ASN A 41 0.65 0.29 -5.47
C ASN A 41 -0.39 -0.74 -4.95
N GLY A 42 -0.53 -1.87 -5.65
CA GLY A 42 -1.60 -2.84 -5.44
C GLY A 42 -2.92 -2.44 -6.13
N ALA A 43 -4.04 -2.92 -5.60
CA ALA A 43 -5.38 -2.52 -6.00
C ALA A 43 -5.68 -1.04 -5.66
N CYS A 44 -6.61 -0.42 -6.40
CA CYS A 44 -7.07 0.96 -6.16
C CYS A 44 -8.34 1.34 -6.95
N TRP A 45 -9.13 2.25 -6.39
CA TRP A 45 -10.45 2.69 -6.86
C TRP A 45 -10.41 3.70 -8.06
N THR A 46 -9.35 3.63 -8.86
CA THR A 46 -9.13 4.40 -10.10
C THR A 46 -10.18 4.12 -11.16
N ALA A 1 3.04 -11.40 9.09
CA ALA A 1 3.48 -10.10 9.64
C ALA A 1 4.92 -10.17 10.13
N ALA A 2 5.82 -9.34 9.62
CA ALA A 2 7.27 -9.37 9.90
C ALA A 2 7.86 -7.98 10.20
N ALA A 3 9.10 -7.96 10.68
CA ALA A 3 9.92 -6.77 11.02
C ALA A 3 10.31 -5.85 9.84
N ALA A 4 9.58 -5.93 8.72
CA ALA A 4 9.76 -5.14 7.49
C ALA A 4 8.40 -4.97 6.75
N GLN A 5 7.32 -4.72 7.48
CA GLN A 5 5.94 -4.72 6.98
C GLN A 5 5.58 -3.55 6.04
N ARG A 6 6.36 -2.46 6.02
CA ARG A 6 6.09 -1.23 5.24
C ARG A 6 6.11 -1.45 3.71
N CYS A 7 5.43 -0.59 2.96
CA CYS A 7 5.29 -0.57 1.50
C CYS A 7 5.40 0.86 0.94
N GLY A 8 5.42 1.02 -0.38
CA GLY A 8 5.52 2.32 -1.04
C GLY A 8 6.92 2.93 -0.95
N GLU A 9 7.03 4.25 -1.05
CA GLU A 9 8.33 4.93 -0.87
C GLU A 9 8.88 4.74 0.55
N GLN A 10 8.01 4.77 1.56
CA GLN A 10 8.34 4.49 2.96
C GLN A 10 8.97 3.08 3.07
N GLY A 11 8.38 2.15 2.33
CA GLY A 11 8.79 0.77 2.14
C GLY A 11 10.05 0.54 1.29
N SER A 12 10.88 1.56 1.00
CA SER A 12 12.02 1.45 0.05
C SER A 12 11.58 0.85 -1.30
N ASN A 13 10.54 1.47 -1.87
CA ASN A 13 9.88 1.10 -3.13
C ASN A 13 9.33 -0.34 -3.21
N MET A 14 9.16 -1.03 -2.07
CA MET A 14 8.42 -2.30 -1.96
C MET A 14 6.92 -2.06 -2.19
N GLU A 15 6.17 -3.12 -2.44
CA GLU A 15 4.74 -3.06 -2.78
C GLU A 15 3.94 -4.26 -2.28
N CYS A 16 2.66 -4.03 -1.96
CA CYS A 16 1.70 -5.08 -1.59
C CYS A 16 1.36 -5.94 -2.82
N PRO A 17 0.83 -7.16 -2.65
CA PRO A 17 0.29 -7.93 -3.77
C PRO A 17 -0.94 -7.24 -4.39
N ASN A 18 -1.29 -7.67 -5.60
CA ASN A 18 -2.28 -7.04 -6.47
C ASN A 18 -3.75 -7.30 -6.07
N ASN A 19 -3.96 -7.99 -4.95
CA ASN A 19 -5.28 -8.16 -4.28
C ASN A 19 -5.32 -7.47 -2.89
N LEU A 20 -4.40 -6.51 -2.65
CA LEU A 20 -4.22 -5.68 -1.46
C LEU A 20 -3.84 -4.25 -1.89
N CYS A 21 -3.80 -3.24 -1.01
CA CYS A 21 -3.58 -1.84 -1.37
C CYS A 21 -2.57 -1.17 -0.42
N CYS A 22 -1.63 -0.41 -0.97
CA CYS A 22 -0.66 0.37 -0.20
C CYS A 22 -1.11 1.82 -0.04
N SER A 23 -1.44 2.20 1.20
CA SER A 23 -1.84 3.57 1.54
C SER A 23 -0.74 4.61 1.28
N GLN A 24 -1.14 5.88 1.17
CA GLN A 24 -0.24 7.04 1.06
C GLN A 24 0.80 7.15 2.19
N TYR A 25 0.54 6.54 3.35
CA TYR A 25 1.42 6.54 4.52
C TYR A 25 2.38 5.33 4.57
N GLY A 26 2.30 4.41 3.60
CA GLY A 26 3.22 3.28 3.43
C GLY A 26 2.78 1.96 4.06
N TYR A 27 1.47 1.72 4.21
CA TYR A 27 0.92 0.57 4.92
C TYR A 27 -0.02 -0.24 4.02
N CYS A 28 0.12 -1.57 4.04
CA CYS A 28 -0.78 -2.48 3.33
C CYS A 28 -2.13 -2.69 4.04
N GLY A 29 -3.21 -2.76 3.27
CA GLY A 29 -4.57 -3.02 3.75
C GLY A 29 -5.59 -3.00 2.62
N MET A 30 -6.88 -2.83 2.95
CA MET A 30 -7.92 -2.56 1.95
C MET A 30 -9.07 -1.72 2.51
N GLY A 31 -9.64 -0.85 1.66
CA GLY A 31 -10.63 0.16 2.04
C GLY A 31 -10.16 1.58 1.76
N GLY A 32 -10.97 2.60 2.03
CA GLY A 32 -10.73 3.99 1.60
C GLY A 32 -9.37 4.58 1.98
N ASP A 33 -8.91 4.37 3.21
CA ASP A 33 -7.59 4.79 3.70
C ASP A 33 -6.41 4.10 2.97
N TYR A 34 -6.64 3.02 2.22
CA TYR A 34 -5.61 2.24 1.50
C TYR A 34 -5.78 2.22 -0.02
N CYS A 35 -6.97 1.87 -0.53
CA CYS A 35 -7.25 1.69 -1.95
C CYS A 35 -7.73 2.96 -2.67
N GLY A 36 -8.03 4.04 -1.94
CA GLY A 36 -8.57 5.29 -2.46
C GLY A 36 -7.55 6.18 -3.19
N LYS A 37 -7.76 7.50 -3.17
CA LYS A 37 -6.96 8.51 -3.88
C LYS A 37 -5.48 8.52 -3.48
N GLY A 38 -5.18 8.23 -2.21
CA GLY A 38 -3.81 8.20 -1.68
C GLY A 38 -2.95 7.03 -2.16
N CYS A 39 -3.55 6.01 -2.79
CA CYS A 39 -2.90 4.73 -3.12
C CYS A 39 -1.55 4.86 -3.83
N GLN A 40 -0.53 4.12 -3.35
CA GLN A 40 0.79 3.97 -3.97
C GLN A 40 0.88 2.76 -4.92
N ASN A 41 0.31 1.60 -4.56
CA ASN A 41 0.28 0.38 -5.37
C ASN A 41 -0.87 -0.57 -4.95
N GLY A 42 -1.16 -1.58 -5.80
CA GLY A 42 -2.09 -2.67 -5.50
C GLY A 42 -3.48 -2.54 -6.15
N ALA A 43 -4.48 -3.11 -5.48
CA ALA A 43 -5.87 -3.32 -5.92
C ALA A 43 -6.76 -2.05 -5.82
N CYS A 44 -6.20 -0.90 -6.16
CA CYS A 44 -6.79 0.41 -5.91
C CYS A 44 -7.92 0.82 -6.86
N TRP A 45 -8.68 1.81 -6.41
CA TRP A 45 -9.93 2.27 -7.02
C TRP A 45 -9.70 3.48 -7.94
N THR A 46 -10.10 3.37 -9.22
CA THR A 46 -10.18 4.48 -10.20
C THR A 46 -11.57 5.10 -10.38
N ALA A 1 16.16 -3.86 0.26
CA ALA A 1 14.90 -4.56 0.55
C ALA A 1 14.90 -5.11 1.98
N ALA A 2 14.14 -4.49 2.90
CA ALA A 2 14.15 -4.86 4.32
C ALA A 2 12.80 -4.69 5.07
N ALA A 3 11.89 -3.82 4.60
CA ALA A 3 10.65 -3.49 5.31
C ALA A 3 9.68 -4.68 5.43
N ALA A 4 9.44 -5.17 6.64
CA ALA A 4 8.57 -6.33 6.92
C ALA A 4 7.07 -6.01 7.08
N GLN A 5 6.71 -4.74 6.89
CA GLN A 5 5.36 -4.21 6.95
C GLN A 5 5.14 -3.02 5.99
N ARG A 6 6.07 -2.06 5.95
CA ARG A 6 5.97 -0.84 5.14
C ARG A 6 6.08 -1.16 3.63
N CYS A 7 5.42 -0.36 2.80
CA CYS A 7 5.30 -0.50 1.34
C CYS A 7 5.43 0.86 0.63
N GLY A 8 5.53 0.87 -0.70
CA GLY A 8 5.67 2.11 -1.48
C GLY A 8 7.02 2.82 -1.28
N GLU A 9 7.04 4.15 -1.42
CA GLU A 9 8.27 4.96 -1.26
C GLU A 9 8.83 4.92 0.17
N GLN A 10 7.97 4.77 1.18
CA GLN A 10 8.34 4.63 2.59
C GLN A 10 8.84 3.20 2.88
N GLY A 11 8.29 2.21 2.16
CA GLY A 11 8.76 0.83 2.13
C GLY A 11 10.14 0.63 1.46
N SER A 12 10.74 1.69 0.90
CA SER A 12 11.93 1.63 0.02
C SER A 12 11.68 0.73 -1.20
N ASN A 13 10.56 0.99 -1.87
CA ASN A 13 10.10 0.37 -3.11
C ASN A 13 9.71 -1.11 -3.01
N MET A 14 9.44 -1.58 -1.80
CA MET A 14 8.76 -2.84 -1.50
C MET A 14 7.26 -2.59 -1.65
N GLU A 15 6.49 -3.57 -2.10
CA GLU A 15 5.07 -3.37 -2.46
C GLU A 15 4.14 -4.43 -1.89
N CYS A 16 2.84 -4.12 -1.74
CA CYS A 16 1.83 -5.12 -1.40
C CYS A 16 1.54 -6.03 -2.61
N PRO A 17 0.92 -7.22 -2.44
CA PRO A 17 0.41 -7.99 -3.57
C PRO A 17 -0.80 -7.26 -4.20
N ASN A 18 -1.17 -7.67 -5.41
CA ASN A 18 -2.19 -7.00 -6.22
C ASN A 18 -3.60 -7.09 -5.64
N ASN A 19 -3.87 -8.05 -4.75
CA ASN A 19 -5.16 -8.24 -4.07
C ASN A 19 -5.25 -7.49 -2.72
N LEU A 20 -4.43 -6.46 -2.57
CA LEU A 20 -4.26 -5.61 -1.38
C LEU A 20 -3.92 -4.18 -1.86
N CYS A 21 -3.79 -3.21 -0.96
CA CYS A 21 -3.60 -1.80 -1.31
C CYS A 21 -2.61 -1.14 -0.35
N CYS A 22 -1.63 -0.42 -0.89
CA CYS A 22 -0.67 0.36 -0.10
C CYS A 22 -1.16 1.79 0.12
N SER A 23 -1.56 2.10 1.35
CA SER A 23 -1.95 3.44 1.79
C SER A 23 -0.87 4.50 1.54
N GLN A 24 -1.27 5.77 1.44
CA GLN A 24 -0.38 6.92 1.26
C GLN A 24 0.76 7.04 2.30
N TYR A 25 0.57 6.53 3.52
CA TYR A 25 1.59 6.50 4.58
C TYR A 25 2.54 5.28 4.53
N GLY A 26 2.33 4.39 3.55
CA GLY A 26 3.15 3.21 3.28
C GLY A 26 2.71 1.93 4.00
N TYR A 27 1.41 1.71 4.22
CA TYR A 27 0.88 0.55 4.94
C TYR A 27 -0.06 -0.29 4.06
N CYS A 28 0.10 -1.60 4.05
CA CYS A 28 -0.78 -2.53 3.34
C CYS A 28 -2.09 -2.80 4.10
N GLY A 29 -3.22 -2.73 3.39
CA GLY A 29 -4.57 -3.05 3.88
C GLY A 29 -5.59 -3.01 2.73
N MET A 30 -6.89 -2.87 3.03
CA MET A 30 -7.91 -2.62 1.98
C MET A 30 -9.10 -1.78 2.45
N GLY A 31 -9.66 -0.99 1.53
CA GLY A 31 -10.72 0.01 1.81
C GLY A 31 -10.23 1.44 1.56
N GLY A 32 -11.06 2.45 1.80
CA GLY A 32 -10.81 3.84 1.40
C GLY A 32 -9.48 4.44 1.86
N ASP A 33 -9.04 4.11 3.07
CA ASP A 33 -7.77 4.59 3.64
C ASP A 33 -6.53 3.97 2.97
N TYR A 34 -6.71 2.89 2.20
CA TYR A 34 -5.65 2.12 1.52
C TYR A 34 -5.76 2.15 0.00
N CYS A 35 -6.94 1.84 -0.54
CA CYS A 35 -7.21 1.69 -1.97
C CYS A 35 -7.65 2.98 -2.66
N GLY A 36 -8.07 4.00 -1.89
CA GLY A 36 -8.56 5.29 -2.39
C GLY A 36 -7.47 6.19 -3.00
N LYS A 37 -7.70 7.50 -2.99
CA LYS A 37 -6.89 8.53 -3.68
C LYS A 37 -5.42 8.58 -3.25
N GLY A 38 -5.12 8.10 -2.03
CA GLY A 38 -3.76 7.94 -1.52
C GLY A 38 -3.01 6.69 -2.01
N CYS A 39 -3.67 5.72 -2.66
CA CYS A 39 -3.12 4.39 -2.96
C CYS A 39 -1.84 4.41 -3.81
N GLN A 40 -0.74 3.89 -3.25
CA GLN A 40 0.58 3.85 -3.86
C GLN A 40 0.80 2.65 -4.80
N ASN A 41 0.27 1.47 -4.46
CA ASN A 41 0.34 0.25 -5.27
C ASN A 41 -0.78 -0.76 -4.87
N GLY A 42 -1.11 -1.69 -5.78
CA GLY A 42 -2.09 -2.76 -5.56
C GLY A 42 -3.45 -2.49 -6.25
N ALA A 43 -4.55 -2.84 -5.57
CA ALA A 43 -5.93 -2.75 -6.06
C ALA A 43 -6.53 -1.32 -5.94
N CYS A 44 -5.79 -0.32 -6.39
CA CYS A 44 -6.14 1.11 -6.28
C CYS A 44 -7.39 1.49 -7.08
N TRP A 45 -8.06 2.56 -6.65
CA TRP A 45 -9.35 3.04 -7.20
C TRP A 45 -9.21 4.11 -8.31
N THR A 46 -7.98 4.49 -8.66
CA THR A 46 -7.59 5.35 -9.79
C THR A 46 -7.35 4.56 -11.09
N ALA A 1 16.50 -4.29 3.25
CA ALA A 1 15.93 -3.44 4.31
C ALA A 1 15.87 -4.20 5.64
N ALA A 2 15.93 -3.49 6.76
CA ALA A 2 15.90 -4.09 8.11
C ALA A 2 14.53 -4.70 8.46
N ALA A 3 13.45 -4.17 7.86
CA ALA A 3 12.09 -4.72 7.90
C ALA A 3 11.34 -4.45 6.59
N ALA A 4 10.24 -5.17 6.35
CA ALA A 4 9.39 -5.06 5.16
C ALA A 4 7.89 -4.88 5.49
N GLN A 5 7.58 -4.26 6.64
CA GLN A 5 6.20 -3.94 7.05
C GLN A 5 5.56 -2.91 6.12
N ARG A 6 6.30 -1.83 5.84
CA ARG A 6 5.87 -0.70 5.01
C ARG A 6 5.92 -1.01 3.51
N CYS A 7 5.36 -0.10 2.71
CA CYS A 7 5.25 -0.20 1.25
C CYS A 7 5.34 1.18 0.57
N GLY A 8 5.56 1.19 -0.75
CA GLY A 8 5.74 2.41 -1.54
C GLY A 8 6.96 3.22 -1.09
N GLU A 9 6.86 4.55 -1.09
CA GLU A 9 7.99 5.45 -0.76
C GLU A 9 8.58 5.21 0.66
N GLN A 10 7.80 4.69 1.60
CA GLN A 10 8.23 4.35 2.98
C GLN A 10 8.71 2.89 3.12
N GLY A 11 8.56 2.06 2.08
CA GLY A 11 8.78 0.61 2.11
C GLY A 11 10.05 0.13 1.40
N SER A 12 11.06 0.98 1.21
CA SER A 12 12.24 0.67 0.38
C SER A 12 11.83 0.19 -1.03
N ASN A 13 10.85 0.91 -1.61
CA ASN A 13 10.13 0.62 -2.86
C ASN A 13 9.49 -0.78 -3.00
N MET A 14 9.29 -1.52 -1.91
CA MET A 14 8.50 -2.74 -1.91
C MET A 14 7.00 -2.41 -1.95
N GLU A 15 6.20 -3.31 -2.54
CA GLU A 15 4.76 -3.11 -2.77
C GLU A 15 3.90 -4.28 -2.25
N CYS A 16 2.58 -4.07 -2.14
CA CYS A 16 1.60 -5.08 -1.73
C CYS A 16 1.21 -5.99 -2.92
N PRO A 17 0.59 -7.17 -2.69
CA PRO A 17 0.03 -7.99 -3.76
C PRO A 17 -1.23 -7.39 -4.39
N ASN A 18 -1.66 -7.96 -5.51
CA ASN A 18 -2.82 -7.52 -6.31
C ASN A 18 -4.16 -7.67 -5.56
N ASN A 19 -4.17 -8.41 -4.45
CA ASN A 19 -5.31 -8.64 -3.56
C ASN A 19 -5.37 -7.65 -2.37
N LEU A 20 -4.53 -6.61 -2.36
CA LEU A 20 -4.29 -5.70 -1.23
C LEU A 20 -3.92 -4.29 -1.75
N CYS A 21 -3.82 -3.26 -0.90
CA CYS A 21 -3.65 -1.86 -1.29
C CYS A 21 -2.65 -1.17 -0.36
N CYS A 22 -1.69 -0.44 -0.93
CA CYS A 22 -0.72 0.34 -0.17
C CYS A 22 -1.23 1.76 0.08
N SER A 23 -1.56 2.08 1.33
CA SER A 23 -1.92 3.43 1.74
C SER A 23 -0.80 4.46 1.54
N GLN A 24 -1.20 5.72 1.59
CA GLN A 24 -0.36 6.91 1.35
C GLN A 24 0.83 7.01 2.31
N TYR A 25 0.64 6.60 3.56
CA TYR A 25 1.70 6.55 4.58
C TYR A 25 2.63 5.34 4.40
N GLY A 26 2.24 4.37 3.56
CA GLY A 26 3.02 3.17 3.24
C GLY A 26 2.62 1.95 4.06
N TYR A 27 1.32 1.67 4.24
CA TYR A 27 0.85 0.45 4.90
C TYR A 27 -0.03 -0.38 3.95
N CYS A 28 0.17 -1.69 3.92
CA CYS A 28 -0.67 -2.63 3.17
C CYS A 28 -1.97 -2.93 3.93
N GLY A 29 -3.12 -2.78 3.26
CA GLY A 29 -4.45 -3.06 3.80
C GLY A 29 -5.54 -2.98 2.72
N MET A 30 -6.77 -2.64 3.10
CA MET A 30 -7.92 -2.53 2.19
C MET A 30 -8.99 -1.54 2.68
N GLY A 31 -9.68 -0.88 1.74
CA GLY A 31 -10.74 0.10 1.98
C GLY A 31 -10.27 1.54 1.72
N GLY A 32 -11.09 2.56 1.99
CA GLY A 32 -10.82 3.95 1.58
C GLY A 32 -9.50 4.54 2.10
N ASP A 33 -9.08 4.15 3.30
CA ASP A 33 -7.80 4.50 3.91
C ASP A 33 -6.57 3.86 3.22
N TYR A 34 -6.77 2.88 2.33
CA TYR A 34 -5.72 2.13 1.65
C TYR A 34 -5.82 2.14 0.11
N CYS A 35 -7.01 1.90 -0.44
CA CYS A 35 -7.27 1.68 -1.87
C CYS A 35 -7.69 2.94 -2.65
N GLY A 36 -7.95 4.07 -1.97
CA GLY A 36 -8.51 5.29 -2.56
C GLY A 36 -7.50 6.18 -3.32
N LYS A 37 -7.77 7.50 -3.35
CA LYS A 37 -6.90 8.53 -3.96
C LYS A 37 -5.43 8.39 -3.55
N GLY A 38 -5.15 8.27 -2.25
CA GLY A 38 -3.79 8.10 -1.71
C GLY A 38 -3.21 6.68 -1.84
N CYS A 39 -3.76 5.79 -2.67
CA CYS A 39 -3.24 4.43 -2.88
C CYS A 39 -2.00 4.42 -3.79
N GLN A 40 -0.86 3.93 -3.25
CA GLN A 40 0.44 3.91 -3.91
C GLN A 40 0.64 2.72 -4.88
N ASN A 41 0.14 1.53 -4.51
CA ASN A 41 0.21 0.30 -5.31
C ASN A 41 -0.82 -0.75 -4.84
N GLY A 42 -0.95 -1.85 -5.58
CA GLY A 42 -1.96 -2.88 -5.29
C GLY A 42 -3.28 -2.60 -6.00
N ALA A 43 -4.39 -3.04 -5.42
CA ALA A 43 -5.76 -2.96 -5.93
C ALA A 43 -6.40 -1.54 -5.86
N CYS A 44 -5.64 -0.51 -6.23
CA CYS A 44 -6.07 0.89 -6.15
C CYS A 44 -7.29 1.19 -7.03
N TRP A 45 -8.21 2.02 -6.53
CA TRP A 45 -9.41 2.52 -7.21
C TRP A 45 -9.12 3.61 -8.26
N THR A 46 -7.86 3.78 -8.69
CA THR A 46 -7.36 4.86 -9.56
C THR A 46 -8.09 4.97 -10.90
N ALA A 1 9.93 -3.53 18.69
CA ALA A 1 10.15 -2.75 17.46
C ALA A 1 8.82 -2.52 16.72
N ALA A 2 8.79 -1.60 15.76
CA ALA A 2 7.66 -1.43 14.83
C ALA A 2 7.58 -2.62 13.85
N ALA A 3 6.36 -3.05 13.49
CA ALA A 3 6.12 -4.23 12.68
C ALA A 3 6.40 -4.00 11.17
N ALA A 4 6.47 -5.09 10.39
CA ALA A 4 6.78 -5.11 8.96
C ALA A 4 5.58 -4.72 8.06
N GLN A 5 4.73 -3.80 8.53
CA GLN A 5 3.54 -3.30 7.82
C GLN A 5 3.90 -2.48 6.56
N ARG A 6 5.09 -1.87 6.55
CA ARG A 6 5.51 -0.87 5.56
C ARG A 6 5.58 -1.37 4.10
N CYS A 7 5.27 -0.47 3.16
CA CYS A 7 5.28 -0.61 1.69
C CYS A 7 5.50 0.75 1.01
N GLY A 8 5.67 0.77 -0.31
CA GLY A 8 5.75 2.00 -1.09
C GLY A 8 7.12 2.68 -1.05
N GLU A 9 7.15 3.97 -1.40
CA GLU A 9 8.37 4.78 -1.31
C GLU A 9 8.86 4.94 0.16
N GLN A 10 7.94 4.84 1.12
CA GLN A 10 8.23 4.81 2.57
C GLN A 10 8.67 3.42 3.03
N GLY A 11 8.38 2.39 2.23
CA GLY A 11 8.71 0.97 2.44
C GLY A 11 9.93 0.46 1.64
N SER A 12 10.71 1.34 1.00
CA SER A 12 11.81 0.98 0.09
C SER A 12 11.38 -0.02 -1.01
N ASN A 13 10.22 0.24 -1.61
CA ASN A 13 9.61 -0.58 -2.67
C ASN A 13 9.30 -2.05 -2.33
N MET A 14 9.09 -2.37 -1.05
CA MET A 14 8.55 -3.68 -0.62
C MET A 14 7.01 -3.64 -0.71
N GLU A 15 6.52 -3.65 -1.96
CA GLU A 15 5.12 -3.37 -2.27
C GLU A 15 4.14 -4.48 -1.84
N CYS A 16 2.87 -4.10 -1.67
CA CYS A 16 1.75 -5.02 -1.45
C CYS A 16 1.34 -5.67 -2.78
N PRO A 17 0.79 -6.91 -2.78
CA PRO A 17 0.28 -7.53 -3.99
C PRO A 17 -1.01 -6.85 -4.52
N ASN A 18 -1.42 -7.23 -5.73
CA ASN A 18 -2.62 -6.73 -6.40
C ASN A 18 -3.93 -7.18 -5.73
N ASN A 19 -3.85 -8.17 -4.84
CA ASN A 19 -4.92 -8.62 -3.95
C ASN A 19 -5.08 -7.71 -2.71
N LEU A 20 -4.40 -6.57 -2.68
CA LEU A 20 -4.22 -5.67 -1.53
C LEU A 20 -3.96 -4.22 -2.01
N CYS A 21 -3.72 -3.28 -1.08
CA CYS A 21 -3.58 -1.85 -1.36
C CYS A 21 -2.52 -1.21 -0.45
N CYS A 22 -1.62 -0.42 -1.01
CA CYS A 22 -0.60 0.35 -0.28
C CYS A 22 -1.05 1.81 -0.09
N SER A 23 -1.35 2.20 1.14
CA SER A 23 -1.77 3.56 1.54
C SER A 23 -0.71 4.64 1.26
N GLN A 24 -1.13 5.91 1.23
CA GLN A 24 -0.25 7.07 1.00
C GLN A 24 0.87 7.27 2.04
N TYR A 25 0.71 6.73 3.24
CA TYR A 25 1.71 6.81 4.31
C TYR A 25 2.66 5.59 4.34
N GLY A 26 2.46 4.63 3.44
CA GLY A 26 3.32 3.45 3.29
C GLY A 26 2.83 2.17 3.94
N TYR A 27 1.54 1.83 3.96
CA TYR A 27 1.03 0.68 4.72
C TYR A 27 0.07 -0.21 3.91
N CYS A 28 0.22 -1.53 4.01
CA CYS A 28 -0.64 -2.49 3.32
C CYS A 28 -1.98 -2.73 4.04
N GLY A 29 -3.10 -2.72 3.30
CA GLY A 29 -4.42 -3.06 3.82
C GLY A 29 -5.48 -3.12 2.72
N MET A 30 -6.76 -2.99 3.11
CA MET A 30 -7.89 -2.96 2.18
C MET A 30 -9.01 -2.02 2.64
N GLY A 31 -9.59 -1.26 1.71
CA GLY A 31 -10.61 -0.23 1.96
C GLY A 31 -10.08 1.16 1.66
N GLY A 32 -10.93 2.18 1.77
CA GLY A 32 -10.66 3.54 1.28
C GLY A 32 -9.39 4.21 1.82
N ASP A 33 -8.98 3.89 3.05
CA ASP A 33 -7.72 4.34 3.65
C ASP A 33 -6.47 3.80 2.96
N TYR A 34 -6.60 2.71 2.19
CA TYR A 34 -5.53 2.00 1.49
C TYR A 34 -5.72 2.05 -0.03
N CYS A 35 -6.94 1.82 -0.51
CA CYS A 35 -7.32 1.70 -1.90
C CYS A 35 -7.83 3.02 -2.53
N GLY A 36 -8.11 4.07 -1.74
CA GLY A 36 -8.71 5.33 -2.21
C GLY A 36 -7.74 6.32 -2.90
N LYS A 37 -7.96 7.63 -2.72
CA LYS A 37 -7.17 8.71 -3.38
C LYS A 37 -5.67 8.70 -3.03
N GLY A 38 -5.25 8.00 -1.97
CA GLY A 38 -3.86 7.88 -1.54
C GLY A 38 -3.06 6.71 -2.15
N CYS A 39 -3.70 5.84 -2.95
CA CYS A 39 -3.15 4.55 -3.41
C CYS A 39 -1.76 4.62 -4.08
N GLN A 40 -0.76 3.89 -3.55
CA GLN A 40 0.58 3.83 -4.14
C GLN A 40 0.83 2.59 -5.00
N ASN A 41 0.43 1.40 -4.55
CA ASN A 41 0.65 0.11 -5.23
C ASN A 41 -0.45 -0.90 -4.86
N GLY A 42 -0.64 -1.93 -5.70
CA GLY A 42 -1.74 -2.89 -5.60
C GLY A 42 -2.98 -2.41 -6.34
N ALA A 43 -4.17 -2.68 -5.79
CA ALA A 43 -5.45 -2.19 -6.31
C ALA A 43 -5.67 -0.69 -5.99
N CYS A 44 -6.54 -0.02 -6.74
CA CYS A 44 -6.93 1.37 -6.46
C CYS A 44 -8.26 1.80 -7.08
N TRP A 45 -9.04 2.48 -6.27
CA TRP A 45 -10.34 3.06 -6.59
C TRP A 45 -10.15 4.47 -7.17
N THR A 46 -10.36 4.65 -8.48
CA THR A 46 -10.07 5.91 -9.21
C THR A 46 -11.30 6.56 -9.79
N ALA A 1 7.40 -13.20 2.33
CA ALA A 1 8.39 -12.94 3.38
C ALA A 1 7.70 -12.58 4.69
N ALA A 2 8.33 -12.95 5.81
CA ALA A 2 7.95 -12.52 7.16
C ALA A 2 8.32 -11.04 7.40
N ALA A 3 7.58 -10.38 8.30
CA ALA A 3 7.76 -8.98 8.72
C ALA A 3 7.80 -7.99 7.53
N ALA A 4 6.68 -7.91 6.80
CA ALA A 4 6.54 -7.20 5.52
C ALA A 4 5.18 -6.48 5.43
N GLN A 5 4.95 -5.47 6.29
CA GLN A 5 3.67 -4.75 6.43
C GLN A 5 3.70 -3.32 5.89
N ARG A 6 4.89 -2.68 5.86
CA ARG A 6 5.14 -1.41 5.16
C ARG A 6 5.17 -1.60 3.63
N CYS A 7 5.05 -0.52 2.86
CA CYS A 7 5.09 -0.53 1.39
C CYS A 7 5.48 0.83 0.79
N GLY A 8 5.74 0.88 -0.52
CA GLY A 8 5.99 2.13 -1.27
C GLY A 8 7.38 2.73 -1.02
N GLU A 9 7.54 4.04 -1.25
CA GLU A 9 8.79 4.77 -0.93
C GLU A 9 9.18 4.64 0.55
N GLN A 10 8.17 4.59 1.43
CA GLN A 10 8.31 4.42 2.87
C GLN A 10 8.79 3.01 3.23
N GLY A 11 8.45 2.04 2.38
CA GLY A 11 8.76 0.62 2.48
C GLY A 11 10.11 0.21 1.84
N SER A 12 10.93 1.15 1.39
CA SER A 12 12.12 0.88 0.55
C SER A 12 11.75 0.20 -0.78
N ASN A 13 10.69 0.70 -1.41
CA ASN A 13 10.13 0.32 -2.71
C ASN A 13 9.55 -1.11 -2.84
N MET A 14 9.32 -1.80 -1.72
CA MET A 14 8.50 -3.00 -1.69
C MET A 14 7.03 -2.60 -1.76
N GLU A 15 6.19 -3.30 -2.51
CA GLU A 15 4.79 -2.97 -2.65
C GLU A 15 3.83 -4.10 -2.24
N CYS A 16 2.57 -3.76 -2.03
CA CYS A 16 1.51 -4.74 -1.74
C CYS A 16 1.14 -5.53 -3.01
N PRO A 17 0.63 -6.77 -2.89
CA PRO A 17 0.11 -7.53 -4.01
C PRO A 17 -1.19 -6.92 -4.57
N ASN A 18 -1.62 -7.38 -5.75
CA ASN A 18 -2.84 -6.90 -6.43
C ASN A 18 -4.15 -7.43 -5.80
N ASN A 19 -4.03 -8.13 -4.67
CA ASN A 19 -5.11 -8.56 -3.77
C ASN A 19 -5.10 -7.73 -2.44
N LEU A 20 -4.50 -6.54 -2.47
CA LEU A 20 -4.24 -5.64 -1.34
C LEU A 20 -3.98 -4.22 -1.88
N CYS A 21 -3.77 -3.22 -1.02
CA CYS A 21 -3.60 -1.81 -1.41
C CYS A 21 -2.56 -1.12 -0.52
N CYS A 22 -1.73 -0.28 -1.12
CA CYS A 22 -0.69 0.49 -0.44
C CYS A 22 -1.12 1.93 -0.19
N SER A 23 -1.44 2.25 1.07
CA SER A 23 -1.77 3.60 1.55
C SER A 23 -0.70 4.65 1.20
N GLN A 24 -1.12 5.90 1.07
CA GLN A 24 -0.25 7.08 0.91
C GLN A 24 0.77 7.26 2.06
N TYR A 25 0.52 6.66 3.22
CA TYR A 25 1.45 6.68 4.37
C TYR A 25 2.43 5.48 4.40
N GLY A 26 2.36 4.58 3.41
CA GLY A 26 3.23 3.39 3.32
C GLY A 26 2.67 2.13 3.97
N TYR A 27 1.35 1.99 4.08
CA TYR A 27 0.70 0.90 4.82
C TYR A 27 -0.06 -0.05 3.89
N CYS A 28 0.25 -1.34 3.93
CA CYS A 28 -0.59 -2.35 3.26
C CYS A 28 -1.89 -2.57 4.04
N GLY A 29 -3.00 -2.66 3.32
CA GLY A 29 -4.33 -3.01 3.81
C GLY A 29 -5.35 -3.02 2.67
N MET A 30 -6.65 -2.89 2.98
CA MET A 30 -7.69 -2.69 1.95
C MET A 30 -8.88 -1.87 2.49
N GLY A 31 -9.52 -1.11 1.60
CA GLY A 31 -10.60 -0.17 1.90
C GLY A 31 -10.19 1.29 1.72
N GLY A 32 -11.08 2.25 1.96
CA GLY A 32 -10.89 3.67 1.61
C GLY A 32 -9.55 4.29 2.05
N ASP A 33 -9.08 3.97 3.26
CA ASP A 33 -7.80 4.45 3.82
C ASP A 33 -6.54 3.81 3.18
N TYR A 34 -6.69 2.82 2.29
CA TYR A 34 -5.59 2.12 1.62
C TYR A 34 -5.73 2.10 0.09
N CYS A 35 -6.93 1.83 -0.42
CA CYS A 35 -7.25 1.69 -1.83
C CYS A 35 -7.72 3.00 -2.50
N GLY A 36 -8.09 4.04 -1.73
CA GLY A 36 -8.65 5.30 -2.23
C GLY A 36 -7.67 6.20 -3.00
N LYS A 37 -7.90 7.52 -2.97
CA LYS A 37 -7.12 8.51 -3.74
C LYS A 37 -5.68 8.74 -3.20
N GLY A 38 -5.31 8.04 -2.13
CA GLY A 38 -3.93 7.93 -1.64
C GLY A 38 -3.16 6.70 -2.14
N CYS A 39 -3.83 5.74 -2.78
CA CYS A 39 -3.25 4.43 -3.10
C CYS A 39 -2.04 4.52 -4.05
N GLN A 40 -0.88 4.04 -3.57
CA GLN A 40 0.42 4.02 -4.26
C GLN A 40 0.61 2.78 -5.16
N ASN A 41 0.03 1.64 -4.79
CA ASN A 41 0.14 0.32 -5.44
C ASN A 41 -1.02 -0.60 -5.04
N GLY A 42 -1.29 -1.63 -5.84
CA GLY A 42 -2.26 -2.70 -5.55
C GLY A 42 -3.63 -2.47 -6.22
N ALA A 43 -4.69 -2.92 -5.57
CA ALA A 43 -6.09 -2.85 -6.02
C ALA A 43 -6.70 -1.45 -5.87
N CYS A 44 -5.97 -0.42 -6.31
CA CYS A 44 -6.32 0.99 -6.17
C CYS A 44 -7.61 1.37 -6.92
N TRP A 45 -8.36 2.29 -6.34
CA TRP A 45 -9.56 2.92 -6.88
C TRP A 45 -9.16 4.07 -7.84
N THR A 46 -9.34 3.86 -9.15
CA THR A 46 -9.17 4.87 -10.21
C THR A 46 -10.43 5.69 -10.40
N ALA A 1 6.86 -9.42 12.97
CA ALA A 1 7.62 -8.25 13.45
C ALA A 1 7.38 -7.04 12.54
N ALA A 2 7.73 -5.84 12.99
CA ALA A 2 7.53 -4.59 12.25
C ALA A 2 8.39 -4.45 10.97
N ALA A 3 9.33 -5.38 10.72
CA ALA A 3 10.22 -5.38 9.56
C ALA A 3 9.52 -5.81 8.24
N ALA A 4 9.94 -5.20 7.13
CA ALA A 4 9.43 -5.40 5.76
C ALA A 4 7.89 -5.32 5.63
N GLN A 5 7.27 -4.61 6.58
CA GLN A 5 5.82 -4.44 6.69
C GLN A 5 5.37 -3.25 5.85
N ARG A 6 6.13 -2.14 5.91
CA ARG A 6 5.91 -0.92 5.11
C ARG A 6 6.06 -1.18 3.61
N CYS A 7 5.31 -0.41 2.82
CA CYS A 7 5.20 -0.50 1.36
C CYS A 7 5.43 0.85 0.67
N GLY A 8 5.59 0.86 -0.66
CA GLY A 8 5.86 2.08 -1.45
C GLY A 8 7.26 2.66 -1.21
N GLU A 9 7.46 3.94 -1.55
CA GLU A 9 8.73 4.66 -1.29
C GLU A 9 9.07 4.77 0.21
N GLN A 10 8.08 4.76 1.11
CA GLN A 10 8.29 4.66 2.57
C GLN A 10 8.80 3.27 2.96
N GLY A 11 8.31 2.25 2.25
CA GLY A 11 8.66 0.84 2.31
C GLY A 11 9.98 0.45 1.63
N SER A 12 10.85 1.41 1.28
CA SER A 12 12.06 1.19 0.47
C SER A 12 11.76 0.48 -0.87
N ASN A 13 10.66 0.87 -1.52
CA ASN A 13 10.14 0.29 -2.76
C ASN A 13 9.77 -1.21 -2.69
N MET A 14 9.41 -1.70 -1.50
CA MET A 14 8.70 -2.99 -1.33
C MET A 14 7.21 -2.70 -1.47
N GLU A 15 6.39 -3.67 -1.89
CA GLU A 15 4.98 -3.41 -2.27
C GLU A 15 3.97 -4.46 -1.76
N CYS A 16 2.69 -4.11 -1.75
CA CYS A 16 1.59 -5.04 -1.50
C CYS A 16 1.25 -5.84 -2.78
N PRO A 17 0.61 -7.02 -2.70
CA PRO A 17 0.06 -7.72 -3.86
C PRO A 17 -1.15 -6.98 -4.46
N ASN A 18 -1.61 -7.39 -5.64
CA ASN A 18 -2.78 -6.80 -6.30
C ASN A 18 -4.14 -7.30 -5.72
N ASN A 19 -4.08 -8.12 -4.67
CA ASN A 19 -5.23 -8.49 -3.82
C ASN A 19 -5.26 -7.66 -2.52
N LEU A 20 -4.57 -6.51 -2.51
CA LEU A 20 -4.33 -5.63 -1.37
C LEU A 20 -3.99 -4.21 -1.91
N CYS A 21 -3.79 -3.21 -1.05
CA CYS A 21 -3.57 -1.81 -1.43
C CYS A 21 -2.62 -1.11 -0.46
N CYS A 22 -1.70 -0.29 -0.99
CA CYS A 22 -0.75 0.50 -0.21
C CYS A 22 -1.23 1.94 0.03
N SER A 23 -1.61 2.25 1.26
CA SER A 23 -1.93 3.60 1.77
C SER A 23 -0.85 4.65 1.45
N GLN A 24 -1.24 5.93 1.39
CA GLN A 24 -0.34 7.06 1.09
C GLN A 24 0.89 7.16 2.00
N TYR A 25 0.82 6.61 3.22
CA TYR A 25 1.89 6.61 4.22
C TYR A 25 2.75 5.33 4.23
N GLY A 26 2.49 4.38 3.31
CA GLY A 26 3.25 3.13 3.21
C GLY A 26 2.75 1.97 4.05
N TYR A 27 1.43 1.76 4.17
CA TYR A 27 0.83 0.64 4.91
C TYR A 27 -0.13 -0.16 4.02
N CYS A 28 -0.03 -1.49 4.02
CA CYS A 28 -0.90 -2.39 3.27
C CYS A 28 -2.25 -2.67 3.96
N GLY A 29 -3.33 -2.76 3.19
CA GLY A 29 -4.67 -3.17 3.63
C GLY A 29 -5.71 -3.08 2.52
N MET A 30 -7.00 -2.97 2.86
CA MET A 30 -8.10 -2.75 1.92
C MET A 30 -9.17 -1.80 2.49
N GLY A 31 -9.81 -1.03 1.60
CA GLY A 31 -10.81 0.00 1.92
C GLY A 31 -10.29 1.42 1.67
N GLY A 32 -11.06 2.46 2.00
CA GLY A 32 -10.75 3.85 1.61
C GLY A 32 -9.38 4.35 2.08
N ASP A 33 -8.96 3.95 3.27
CA ASP A 33 -7.66 4.30 3.83
C ASP A 33 -6.49 3.71 3.01
N TYR A 34 -6.69 2.56 2.38
CA TYR A 34 -5.66 1.77 1.70
C TYR A 34 -5.76 1.84 0.17
N CYS A 35 -6.96 1.61 -0.38
CA CYS A 35 -7.27 1.56 -1.81
C CYS A 35 -7.77 2.90 -2.40
N GLY A 36 -8.07 3.90 -1.58
CA GLY A 36 -8.62 5.20 -2.02
C GLY A 36 -7.63 6.10 -2.78
N LYS A 37 -7.84 7.42 -2.75
CA LYS A 37 -7.12 8.40 -3.58
C LYS A 37 -5.60 8.45 -3.34
N GLY A 38 -5.17 8.13 -2.12
CA GLY A 38 -3.75 8.08 -1.73
C GLY A 38 -3.02 6.80 -2.15
N CYS A 39 -3.70 5.83 -2.76
CA CYS A 39 -3.16 4.49 -3.02
C CYS A 39 -1.93 4.49 -3.96
N GLN A 40 -0.82 3.95 -3.45
CA GLN A 40 0.49 3.95 -4.11
C GLN A 40 0.74 2.74 -5.03
N ASN A 41 0.24 1.56 -4.61
CA ASN A 41 0.33 0.30 -5.34
C ASN A 41 -0.78 -0.68 -4.91
N GLY A 42 -1.07 -1.68 -5.74
CA GLY A 42 -2.12 -2.67 -5.52
C GLY A 42 -3.47 -2.32 -6.18
N ALA A 43 -4.57 -2.74 -5.57
CA ALA A 43 -5.93 -2.71 -6.11
C ALA A 43 -6.63 -1.33 -6.07
N CYS A 44 -5.87 -0.25 -6.32
CA CYS A 44 -6.28 1.15 -6.16
C CYS A 44 -7.55 1.53 -6.96
N TRP A 45 -8.47 2.27 -6.33
CA TRP A 45 -9.66 2.82 -6.96
C TRP A 45 -9.26 3.92 -7.95
N THR A 46 -9.61 3.79 -9.24
CA THR A 46 -9.23 4.74 -10.31
C THR A 46 -10.34 5.72 -10.63
N ALA A 1 16.55 -6.34 10.99
CA ALA A 1 15.15 -6.26 10.52
C ALA A 1 15.07 -5.25 9.38
N ALA A 2 14.58 -5.68 8.21
CA ALA A 2 14.55 -4.84 7.01
C ALA A 2 13.50 -3.71 7.13
N ALA A 3 13.78 -2.58 6.48
CA ALA A 3 12.86 -1.44 6.35
C ALA A 3 11.76 -1.73 5.29
N ALA A 4 11.04 -2.84 5.49
CA ALA A 4 10.05 -3.41 4.58
C ALA A 4 8.80 -3.98 5.29
N GLN A 5 8.53 -3.52 6.52
CA GLN A 5 7.24 -3.74 7.22
C GLN A 5 6.17 -2.90 6.50
N ARG A 6 6.58 -1.68 6.15
CA ARG A 6 5.91 -0.72 5.27
C ARG A 6 5.89 -1.20 3.80
N CYS A 7 5.21 -0.45 2.95
CA CYS A 7 5.07 -0.69 1.50
C CYS A 7 5.35 0.59 0.71
N GLY A 8 5.51 0.48 -0.62
CA GLY A 8 5.75 1.61 -1.51
C GLY A 8 7.11 2.28 -1.26
N GLU A 9 7.21 3.58 -1.52
CA GLU A 9 8.45 4.34 -1.34
C GLU A 9 8.92 4.39 0.13
N GLN A 10 7.99 4.32 1.09
CA GLN A 10 8.28 4.26 2.53
C GLN A 10 8.80 2.87 2.94
N GLY A 11 8.33 1.84 2.22
CA GLY A 11 8.68 0.43 2.31
C GLY A 11 10.01 0.05 1.64
N SER A 12 10.99 0.95 1.59
CA SER A 12 12.25 0.77 0.81
C SER A 12 12.00 0.37 -0.65
N ASN A 13 10.99 0.99 -1.26
CA ASN A 13 10.52 0.73 -2.62
C ASN A 13 9.93 -0.69 -2.86
N MET A 14 9.60 -1.43 -1.81
CA MET A 14 8.94 -2.75 -1.87
C MET A 14 7.42 -2.62 -1.71
N GLU A 15 6.65 -3.20 -2.63
CA GLU A 15 5.19 -3.05 -2.71
C GLU A 15 4.40 -4.19 -2.02
N CYS A 16 3.09 -4.01 -1.86
CA CYS A 16 2.14 -5.08 -1.49
C CYS A 16 1.89 -6.01 -2.70
N PRO A 17 1.22 -7.16 -2.55
CA PRO A 17 0.69 -7.91 -3.68
C PRO A 17 -0.52 -7.19 -4.29
N ASN A 18 -0.96 -7.62 -5.47
CA ASN A 18 -2.04 -6.98 -6.23
C ASN A 18 -3.46 -7.27 -5.72
N ASN A 19 -3.60 -8.21 -4.77
CA ASN A 19 -4.83 -8.47 -4.02
C ASN A 19 -4.86 -7.70 -2.69
N LEU A 20 -4.29 -6.48 -2.67
CA LEU A 20 -4.10 -5.63 -1.49
C LEU A 20 -3.84 -4.18 -1.95
N CYS A 21 -3.81 -3.20 -1.04
CA CYS A 21 -3.68 -1.78 -1.36
C CYS A 21 -2.67 -1.10 -0.44
N CYS A 22 -1.72 -0.34 -1.00
CA CYS A 22 -0.72 0.41 -0.24
C CYS A 22 -1.17 1.86 -0.01
N SER A 23 -1.52 2.23 1.21
CA SER A 23 -1.94 3.59 1.60
C SER A 23 -0.88 4.66 1.30
N GLN A 24 -1.28 5.94 1.27
CA GLN A 24 -0.37 7.08 1.01
C GLN A 24 0.79 7.24 2.01
N TYR A 25 0.70 6.63 3.20
CA TYR A 25 1.79 6.61 4.20
C TYR A 25 2.62 5.31 4.18
N GLY A 26 2.38 4.40 3.23
CA GLY A 26 3.14 3.16 3.08
C GLY A 26 2.69 2.01 3.97
N TYR A 27 1.39 1.81 4.18
CA TYR A 27 0.86 0.65 4.90
C TYR A 27 -0.08 -0.16 3.99
N CYS A 28 0.12 -1.48 3.93
CA CYS A 28 -0.81 -2.38 3.23
C CYS A 28 -2.14 -2.52 3.99
N GLY A 29 -3.27 -2.64 3.28
CA GLY A 29 -4.60 -2.92 3.84
C GLY A 29 -5.70 -2.94 2.78
N MET A 30 -6.97 -2.79 3.21
CA MET A 30 -8.16 -2.81 2.34
C MET A 30 -9.22 -1.78 2.72
N GLY A 31 -9.73 -1.03 1.73
CA GLY A 31 -10.81 -0.05 1.88
C GLY A 31 -10.35 1.39 1.71
N GLY A 32 -11.20 2.37 2.05
CA GLY A 32 -11.00 3.80 1.72
C GLY A 32 -9.64 4.37 2.10
N ASP A 33 -9.14 4.07 3.30
CA ASP A 33 -7.83 4.54 3.79
C ASP A 33 -6.62 3.95 3.05
N TYR A 34 -6.79 2.82 2.35
CA TYR A 34 -5.72 2.05 1.71
C TYR A 34 -5.82 2.03 0.19
N CYS A 35 -7.02 1.80 -0.35
CA CYS A 35 -7.32 1.61 -1.77
C CYS A 35 -7.77 2.90 -2.49
N GLY A 36 -8.16 3.96 -1.76
CA GLY A 36 -8.70 5.20 -2.33
C GLY A 36 -7.68 6.11 -3.02
N LYS A 37 -7.97 7.41 -3.06
CA LYS A 37 -7.16 8.44 -3.76
C LYS A 37 -5.68 8.46 -3.35
N GLY A 38 -5.39 8.16 -2.08
CA GLY A 38 -4.02 8.05 -1.58
C GLY A 38 -3.25 6.81 -2.05
N CYS A 39 -3.94 5.77 -2.55
CA CYS A 39 -3.35 4.46 -2.82
C CYS A 39 -2.18 4.53 -3.82
N GLN A 40 -1.02 4.01 -3.42
CA GLN A 40 0.24 4.09 -4.17
C GLN A 40 0.35 2.97 -5.22
N ASN A 41 0.11 1.71 -4.82
CA ASN A 41 0.19 0.53 -5.69
C ASN A 41 -0.67 -0.63 -5.14
N GLY A 42 -0.99 -1.62 -5.98
CA GLY A 42 -1.96 -2.68 -5.70
C GLY A 42 -3.33 -2.38 -6.32
N ALA A 43 -4.40 -2.80 -5.66
CA ALA A 43 -5.79 -2.72 -6.13
C ALA A 43 -6.41 -1.31 -5.98
N CYS A 44 -5.69 -0.26 -6.38
CA CYS A 44 -6.12 1.13 -6.19
C CYS A 44 -7.36 1.52 -7.01
N TRP A 45 -8.27 2.24 -6.37
CA TRP A 45 -9.49 2.79 -6.98
C TRP A 45 -9.14 3.91 -7.96
N THR A 46 -9.62 3.80 -9.20
CA THR A 46 -9.27 4.66 -10.35
C THR A 46 -9.84 6.07 -10.25
N ALA A 1 15.37 -10.00 7.14
CA ALA A 1 14.83 -9.48 5.86
C ALA A 1 13.82 -8.36 6.12
N ALA A 2 13.58 -7.52 5.10
CA ALA A 2 12.69 -6.37 5.20
C ALA A 2 11.21 -6.76 5.43
N ALA A 3 10.54 -5.95 6.24
CA ALA A 3 9.12 -6.06 6.58
C ALA A 3 8.20 -5.59 5.43
N ALA A 4 7.45 -6.52 4.82
CA ALA A 4 6.51 -6.22 3.72
C ALA A 4 5.13 -5.70 4.16
N GLN A 5 5.03 -5.23 5.41
CA GLN A 5 3.88 -4.49 5.95
C GLN A 5 3.88 -3.06 5.39
N ARG A 6 5.09 -2.49 5.35
CA ARG A 6 5.38 -1.20 4.70
C ARG A 6 5.56 -1.33 3.20
N CYS A 7 5.30 -0.26 2.46
CA CYS A 7 5.21 -0.27 1.00
C CYS A 7 5.40 1.11 0.34
N GLY A 8 5.69 1.12 -0.96
CA GLY A 8 5.95 2.35 -1.74
C GLY A 8 7.16 3.13 -1.24
N GLU A 9 7.08 4.47 -1.29
CA GLU A 9 8.20 5.38 -0.98
C GLU A 9 8.69 5.33 0.50
N GLN A 10 7.91 4.73 1.40
CA GLN A 10 8.29 4.42 2.79
C GLN A 10 8.38 2.91 3.09
N GLY A 11 8.50 2.07 2.07
CA GLY A 11 8.61 0.61 2.18
C GLY A 11 9.94 0.05 1.68
N SER A 12 11.02 0.84 1.65
CA SER A 12 12.27 0.47 0.96
C SER A 12 12.00 0.13 -0.53
N ASN A 13 11.12 0.93 -1.14
CA ASN A 13 10.48 0.78 -2.46
C ASN A 13 9.77 -0.58 -2.73
N MET A 14 9.54 -1.42 -1.72
CA MET A 14 8.75 -2.66 -1.84
C MET A 14 7.28 -2.35 -2.09
N GLU A 15 6.56 -3.29 -2.70
CA GLU A 15 5.17 -3.07 -3.12
C GLU A 15 4.26 -4.29 -2.85
N CYS A 16 2.95 -4.06 -2.67
CA CYS A 16 1.98 -5.08 -2.29
C CYS A 16 1.19 -5.67 -3.47
N PRO A 17 0.63 -6.89 -3.33
CA PRO A 17 -0.04 -7.60 -4.41
C PRO A 17 -1.39 -6.99 -4.81
N ASN A 18 -1.95 -7.48 -5.92
CA ASN A 18 -3.22 -6.99 -6.50
C ASN A 18 -4.45 -7.35 -5.65
N ASN A 19 -4.30 -8.22 -4.63
CA ASN A 19 -5.32 -8.54 -3.63
C ASN A 19 -5.09 -7.80 -2.28
N LEU A 20 -4.54 -6.58 -2.36
CA LEU A 20 -4.19 -5.70 -1.25
C LEU A 20 -4.07 -4.25 -1.77
N CYS A 21 -3.89 -3.26 -0.90
CA CYS A 21 -3.76 -1.84 -1.24
C CYS A 21 -2.76 -1.14 -0.31
N CYS A 22 -1.85 -0.36 -0.88
CA CYS A 22 -0.83 0.41 -0.16
C CYS A 22 -1.24 1.87 0.04
N SER A 23 -1.59 2.27 1.26
CA SER A 23 -1.90 3.67 1.60
C SER A 23 -0.73 4.65 1.38
N GLN A 24 -1.02 5.94 1.28
CA GLN A 24 -0.03 7.01 1.00
C GLN A 24 1.14 7.09 2.00
N TYR A 25 0.93 6.70 3.26
CA TYR A 25 1.98 6.67 4.30
C TYR A 25 2.84 5.40 4.23
N GLY A 26 2.46 4.41 3.43
CA GLY A 26 3.15 3.13 3.30
C GLY A 26 2.56 2.02 4.14
N TYR A 27 1.24 1.84 4.22
CA TYR A 27 0.63 0.73 4.97
C TYR A 27 -0.26 -0.11 4.08
N CYS A 28 -0.03 -1.43 4.06
CA CYS A 28 -0.86 -2.37 3.31
C CYS A 28 -2.09 -2.86 4.11
N GLY A 29 -3.23 -2.90 3.41
CA GLY A 29 -4.57 -3.25 3.91
C GLY A 29 -5.58 -3.21 2.75
N MET A 30 -6.88 -3.04 3.02
CA MET A 30 -7.91 -2.80 2.00
C MET A 30 -9.01 -1.84 2.52
N GLY A 31 -9.63 -1.09 1.59
CA GLY A 31 -10.71 -0.14 1.88
C GLY A 31 -10.33 1.31 1.67
N GLY A 32 -11.24 2.26 1.93
CA GLY A 32 -11.09 3.67 1.58
C GLY A 32 -9.79 4.37 1.99
N ASP A 33 -9.17 4.04 3.13
CA ASP A 33 -7.88 4.60 3.54
C ASP A 33 -6.67 4.00 2.80
N TYR A 34 -6.81 2.79 2.25
CA TYR A 34 -5.73 2.00 1.65
C TYR A 34 -5.83 1.99 0.12
N CYS A 35 -7.01 1.70 -0.42
CA CYS A 35 -7.33 1.64 -1.85
C CYS A 35 -7.77 2.99 -2.45
N GLY A 36 -8.04 4.01 -1.62
CA GLY A 36 -8.53 5.32 -2.03
C GLY A 36 -7.54 6.20 -2.77
N LYS A 37 -7.76 7.52 -2.81
CA LYS A 37 -7.01 8.48 -3.66
C LYS A 37 -5.48 8.51 -3.45
N GLY A 38 -5.01 8.07 -2.29
CA GLY A 38 -3.59 8.02 -1.95
C GLY A 38 -2.88 6.69 -2.27
N CYS A 39 -3.61 5.71 -2.81
CA CYS A 39 -3.12 4.34 -3.02
C CYS A 39 -1.91 4.25 -3.96
N GLN A 40 -0.74 3.88 -3.42
CA GLN A 40 0.56 3.85 -4.11
C GLN A 40 0.71 2.63 -5.04
N ASN A 41 0.10 1.50 -4.66
CA ASN A 41 0.08 0.24 -5.41
C ASN A 41 -1.01 -0.68 -4.85
N GLY A 42 -1.46 -1.65 -5.65
CA GLY A 42 -2.47 -2.64 -5.27
C GLY A 42 -3.81 -2.48 -6.03
N ALA A 43 -4.92 -2.83 -5.40
CA ALA A 43 -6.27 -2.81 -5.99
C ALA A 43 -6.89 -1.39 -6.06
N CYS A 44 -6.07 -0.36 -6.26
CA CYS A 44 -6.45 1.06 -6.13
C CYS A 44 -7.72 1.43 -6.93
N TRP A 45 -8.59 2.25 -6.33
CA TRP A 45 -9.90 2.64 -6.88
C TRP A 45 -9.83 3.72 -7.97
N THR A 46 -8.63 4.12 -8.42
CA THR A 46 -8.38 5.06 -9.54
C THR A 46 -8.74 4.45 -10.89
N ALA A 1 2.62 -10.30 12.97
CA ALA A 1 2.34 -9.73 11.64
C ALA A 1 3.29 -10.28 10.57
N ALA A 2 2.78 -10.49 9.35
CA ALA A 2 3.57 -10.90 8.18
C ALA A 2 4.56 -9.80 7.75
N ALA A 3 5.80 -10.16 7.44
CA ALA A 3 6.95 -9.26 7.22
C ALA A 3 6.96 -8.52 5.86
N ALA A 4 5.80 -7.99 5.45
CA ALA A 4 5.57 -7.31 4.16
C ALA A 4 4.41 -6.30 4.18
N GLN A 5 4.07 -5.73 5.35
CA GLN A 5 3.02 -4.72 5.49
C GLN A 5 3.47 -3.32 5.06
N ARG A 6 4.76 -3.00 5.24
CA ARG A 6 5.36 -1.75 4.74
C ARG A 6 5.53 -1.74 3.22
N CYS A 7 5.27 -0.59 2.60
CA CYS A 7 5.21 -0.47 1.14
C CYS A 7 5.39 0.98 0.62
N GLY A 8 5.59 1.10 -0.69
CA GLY A 8 5.69 2.36 -1.43
C GLY A 8 6.95 3.17 -1.12
N GLU A 9 6.87 4.49 -1.30
CA GLU A 9 8.03 5.40 -1.19
C GLU A 9 8.65 5.50 0.22
N GLN A 10 7.97 4.93 1.24
CA GLN A 10 8.50 4.77 2.60
C GLN A 10 8.81 3.31 2.99
N GLY A 11 8.44 2.34 2.15
CA GLY A 11 8.55 0.89 2.37
C GLY A 11 9.77 0.23 1.74
N SER A 12 10.88 0.95 1.55
CA SER A 12 12.04 0.51 0.76
C SER A 12 11.64 0.13 -0.67
N ASN A 13 10.67 0.88 -1.21
CA ASN A 13 10.03 0.69 -2.50
C ASN A 13 9.37 -0.68 -2.74
N MET A 14 9.16 -1.49 -1.70
CA MET A 14 8.38 -2.74 -1.75
C MET A 14 6.91 -2.41 -2.00
N GLU A 15 6.10 -3.38 -2.42
CA GLU A 15 4.68 -3.17 -2.69
C GLU A 15 3.78 -4.35 -2.31
N CYS A 16 2.54 -4.03 -1.93
CA CYS A 16 1.51 -5.02 -1.62
C CYS A 16 1.09 -5.81 -2.89
N PRO A 17 0.57 -7.04 -2.75
CA PRO A 17 0.01 -7.81 -3.87
C PRO A 17 -1.19 -7.11 -4.54
N ASN A 18 -1.56 -7.57 -5.73
CA ASN A 18 -2.52 -6.91 -6.63
C ASN A 18 -4.01 -7.10 -6.27
N ASN A 19 -4.27 -7.65 -5.09
CA ASN A 19 -5.58 -7.72 -4.41
C ASN A 19 -5.58 -7.03 -3.03
N LEU A 20 -4.46 -6.39 -2.65
CA LEU A 20 -4.24 -5.59 -1.45
C LEU A 20 -3.84 -4.16 -1.88
N CYS A 21 -3.78 -3.18 -0.98
CA CYS A 21 -3.63 -1.76 -1.34
C CYS A 21 -2.63 -1.07 -0.43
N CYS A 22 -1.72 -0.30 -1.03
CA CYS A 22 -0.67 0.43 -0.33
C CYS A 22 -1.08 1.90 -0.09
N SER A 23 -1.42 2.25 1.14
CA SER A 23 -1.76 3.63 1.54
C SER A 23 -0.60 4.62 1.30
N GLN A 24 -0.92 5.91 1.17
CA GLN A 24 0.05 6.99 0.96
C GLN A 24 1.13 7.10 2.07
N TYR A 25 0.79 6.69 3.29
CA TYR A 25 1.73 6.67 4.42
C TYR A 25 2.65 5.43 4.44
N GLY A 26 2.39 4.45 3.57
CA GLY A 26 3.30 3.31 3.31
C GLY A 26 2.87 1.98 3.92
N TYR A 27 1.57 1.69 3.96
CA TYR A 27 1.04 0.53 4.66
C TYR A 27 0.03 -0.26 3.83
N CYS A 28 0.14 -1.58 3.84
CA CYS A 28 -0.80 -2.49 3.21
C CYS A 28 -2.12 -2.63 3.99
N GLY A 29 -3.23 -2.70 3.26
CA GLY A 29 -4.58 -2.92 3.79
C GLY A 29 -5.62 -2.93 2.66
N MET A 30 -6.89 -2.71 3.00
CA MET A 30 -8.02 -2.67 2.05
C MET A 30 -9.04 -1.60 2.50
N GLY A 31 -9.68 -0.92 1.55
CA GLY A 31 -10.74 0.07 1.82
C GLY A 31 -10.29 1.51 1.62
N GLY A 32 -11.09 2.48 2.05
CA GLY A 32 -10.90 3.91 1.76
C GLY A 32 -9.57 4.51 2.22
N ASP A 33 -9.03 4.02 3.35
CA ASP A 33 -7.74 4.41 3.89
C ASP A 33 -6.54 3.81 3.12
N TYR A 34 -6.75 2.80 2.26
CA TYR A 34 -5.69 2.06 1.56
C TYR A 34 -5.80 2.06 0.03
N CYS A 35 -6.97 1.70 -0.50
CA CYS A 35 -7.26 1.56 -1.93
C CYS A 35 -7.74 2.86 -2.60
N GLY A 36 -8.12 3.86 -1.81
CA GLY A 36 -8.69 5.13 -2.26
C GLY A 36 -7.67 6.11 -2.85
N LYS A 37 -7.94 7.41 -2.69
CA LYS A 37 -7.18 8.50 -3.34
C LYS A 37 -5.69 8.60 -2.98
N GLY A 38 -5.21 7.94 -1.93
CA GLY A 38 -3.79 7.90 -1.56
C GLY A 38 -3.04 6.67 -2.09
N CYS A 39 -3.72 5.70 -2.69
CA CYS A 39 -3.17 4.39 -3.02
C CYS A 39 -1.95 4.46 -3.97
N GLN A 40 -0.79 3.98 -3.50
CA GLN A 40 0.50 4.01 -4.20
C GLN A 40 0.72 2.80 -5.14
N ASN A 41 0.29 1.62 -4.68
CA ASN A 41 0.43 0.33 -5.37
C ASN A 41 -0.74 -0.61 -5.01
N GLY A 42 -1.02 -1.58 -5.87
CA GLY A 42 -1.94 -2.68 -5.59
C GLY A 42 -3.32 -2.53 -6.25
N ALA A 43 -4.36 -3.00 -5.57
CA ALA A 43 -5.76 -3.00 -5.98
C ALA A 43 -6.46 -1.62 -5.83
N CYS A 44 -5.76 -0.56 -6.23
CA CYS A 44 -6.21 0.82 -6.14
C CYS A 44 -7.49 1.09 -6.96
N TRP A 45 -8.35 1.98 -6.47
CA TRP A 45 -9.63 2.37 -7.07
C TRP A 45 -9.49 3.37 -8.23
N THR A 46 -8.57 3.10 -9.16
CA THR A 46 -8.37 3.84 -10.41
C THR A 46 -9.53 3.63 -11.37
N ALA A 1 12.87 -9.55 14.03
CA ALA A 1 13.00 -8.19 14.58
C ALA A 1 12.92 -7.10 13.50
N ALA A 2 13.69 -7.21 12.40
CA ALA A 2 13.80 -6.21 11.33
C ALA A 2 12.57 -6.18 10.37
N ALA A 3 11.39 -5.91 10.92
CA ALA A 3 10.12 -5.96 10.18
C ALA A 3 10.08 -4.99 8.98
N ALA A 4 9.71 -5.50 7.81
CA ALA A 4 9.59 -4.78 6.55
C ALA A 4 8.12 -4.46 6.17
N GLN A 5 7.25 -4.26 7.16
CA GLN A 5 5.80 -4.09 6.93
C GLN A 5 5.43 -2.82 6.16
N ARG A 6 6.29 -1.79 6.14
CA ARG A 6 6.10 -0.60 5.31
C ARG A 6 6.25 -0.94 3.81
N CYS A 7 5.46 -0.29 2.96
CA CYS A 7 5.40 -0.42 1.50
C CYS A 7 5.53 0.95 0.82
N GLY A 8 5.67 0.98 -0.51
CA GLY A 8 5.71 2.23 -1.29
C GLY A 8 7.02 2.98 -1.16
N GLU A 9 6.99 4.28 -1.46
CA GLU A 9 8.20 5.12 -1.41
C GLU A 9 8.76 5.31 0.00
N GLN A 10 7.98 5.00 1.03
CA GLN A 10 8.39 4.94 2.44
C GLN A 10 8.99 3.54 2.74
N GLY A 11 8.36 2.50 2.21
CA GLY A 11 8.68 1.08 2.35
C GLY A 11 9.90 0.55 1.58
N SER A 12 10.79 1.41 1.08
CA SER A 12 11.87 1.04 0.14
C SER A 12 11.32 0.27 -1.08
N ASN A 13 10.17 0.72 -1.59
CA ASN A 13 9.44 0.17 -2.74
C ASN A 13 9.16 -1.34 -2.69
N MET A 14 9.14 -1.94 -1.49
CA MET A 14 8.69 -3.32 -1.26
C MET A 14 7.16 -3.34 -1.16
N GLU A 15 6.48 -3.56 -2.28
CA GLU A 15 5.04 -3.33 -2.35
C GLU A 15 4.21 -4.52 -1.86
N CYS A 16 2.93 -4.22 -1.57
CA CYS A 16 1.88 -5.20 -1.34
C CYS A 16 1.63 -6.00 -2.64
N PRO A 17 1.03 -7.21 -2.59
CA PRO A 17 0.63 -7.90 -3.80
C PRO A 17 -0.50 -7.17 -4.52
N ASN A 18 -0.75 -7.55 -5.77
CA ASN A 18 -1.78 -6.98 -6.64
C ASN A 18 -3.20 -7.25 -6.12
N ASN A 19 -3.34 -8.17 -5.17
CA ASN A 19 -4.56 -8.53 -4.45
C ASN A 19 -4.87 -7.57 -3.28
N LEU A 20 -4.05 -6.54 -3.05
CA LEU A 20 -4.05 -5.69 -1.84
C LEU A 20 -3.76 -4.22 -2.21
N CYS A 21 -3.74 -3.29 -1.25
CA CYS A 21 -3.54 -1.85 -1.50
C CYS A 21 -2.50 -1.26 -0.54
N CYS A 22 -1.60 -0.43 -1.07
CA CYS A 22 -0.61 0.30 -0.27
C CYS A 22 -1.08 1.73 -0.03
N SER A 23 -1.39 2.08 1.23
CA SER A 23 -1.81 3.42 1.64
C SER A 23 -0.76 4.51 1.36
N GLN A 24 -1.19 5.77 1.33
CA GLN A 24 -0.36 6.98 1.15
C GLN A 24 0.80 7.14 2.15
N TYR A 25 0.68 6.56 3.34
CA TYR A 25 1.75 6.56 4.37
C TYR A 25 2.66 5.32 4.26
N GLY A 26 2.37 4.40 3.35
CA GLY A 26 3.18 3.21 3.08
C GLY A 26 2.79 1.98 3.89
N TYR A 27 1.51 1.65 4.06
CA TYR A 27 1.09 0.44 4.77
C TYR A 27 0.11 -0.38 3.93
N CYS A 28 0.23 -1.70 4.00
CA CYS A 28 -0.64 -2.62 3.26
C CYS A 28 -1.99 -2.88 3.96
N GLY A 29 -3.09 -2.87 3.20
CA GLY A 29 -4.44 -3.19 3.66
C GLY A 29 -5.47 -3.06 2.53
N MET A 30 -6.72 -2.79 2.87
CA MET A 30 -7.83 -2.58 1.92
C MET A 30 -8.89 -1.59 2.41
N GLY A 31 -9.59 -0.94 1.48
CA GLY A 31 -10.66 0.03 1.75
C GLY A 31 -10.21 1.49 1.58
N GLY A 32 -10.99 2.45 2.09
CA GLY A 32 -10.79 3.88 1.83
C GLY A 32 -9.49 4.47 2.40
N ASP A 33 -8.91 3.84 3.43
CA ASP A 33 -7.61 4.21 3.98
C ASP A 33 -6.43 3.73 3.12
N TYR A 34 -6.61 2.68 2.32
CA TYR A 34 -5.52 2.00 1.59
C TYR A 34 -5.67 2.07 0.05
N CYS A 35 -6.87 1.84 -0.47
CA CYS A 35 -7.18 1.75 -1.90
C CYS A 35 -7.67 3.07 -2.53
N GLY A 36 -8.00 4.11 -1.74
CA GLY A 36 -8.56 5.37 -2.22
C GLY A 36 -7.58 6.29 -2.97
N LYS A 37 -7.81 7.61 -2.94
CA LYS A 37 -6.93 8.60 -3.62
C LYS A 37 -5.47 8.53 -3.17
N GLY A 38 -5.22 8.18 -1.90
CA GLY A 38 -3.88 7.97 -1.36
C GLY A 38 -3.14 6.71 -1.86
N CYS A 39 -3.81 5.78 -2.57
CA CYS A 39 -3.24 4.48 -2.91
C CYS A 39 -1.99 4.56 -3.79
N GLN A 40 -0.88 4.01 -3.31
CA GLN A 40 0.42 4.01 -3.98
C GLN A 40 0.58 2.81 -4.95
N ASN A 41 0.12 1.63 -4.53
CA ASN A 41 0.36 0.36 -5.24
C ASN A 41 -0.81 -0.62 -5.07
N GLY A 42 -0.94 -1.58 -6.01
CA GLY A 42 -1.89 -2.69 -5.91
C GLY A 42 -3.27 -2.38 -6.51
N ALA A 43 -4.33 -2.83 -5.84
CA ALA A 43 -5.73 -2.83 -6.30
C ALA A 43 -6.45 -1.46 -6.11
N CYS A 44 -5.78 -0.36 -6.44
CA CYS A 44 -6.27 1.01 -6.20
C CYS A 44 -7.61 1.32 -6.90
N TRP A 45 -8.41 2.20 -6.30
CA TRP A 45 -9.65 2.74 -6.85
C TRP A 45 -9.37 3.98 -7.71
N THR A 46 -9.93 4.02 -8.93
CA THR A 46 -9.74 5.10 -9.92
C THR A 46 -10.69 6.28 -9.70
#